data_4XZC
#
_entry.id   4XZC
#
_cell.length_a   73.981
_cell.length_b   73.981
_cell.length_c   423.978
_cell.angle_alpha   90.00
_cell.angle_beta   90.00
_cell.angle_gamma   90.00
#
_symmetry.space_group_name_H-M   'P 41 21 2'
#
loop_
_entity.id
_entity.type
_entity.pdbx_description
1 polymer Nucleoprotein
2 water water
#
_entity_poly.entity_id   1
_entity_poly.type   'polypeptide(L)'
_entity_poly.pdbx_seq_one_letter_code
;MENQIKANTKKEYDEWFKPYAEKTHLKSVLTNSASFCDALPDLSIFEVKMGLATDDREKDSIYACAMVEATKFCAPIYEC
GWACCTGMVENGLKWFDKNKDVIKLWDGKYSDLMKNVPEPEQLVAYQRAAQKWRQDNKFEINQYTRSLTHSVQADYKVPG
EYAVEVKEMLSDMVRRRNILLNGNGDDAGKKGPVSREHVNWGRELAAGKFQVVFNPPWGDINKTGRSGIPLAVTSMVKVA
ELDGHKRLEDIRKTLLDLKKWIEDNKDELEDGKGDELVKTLTKQLADAIELAKKSSALRAQGAQIDSIFSSYYWAWKAGI
TPVTFPTLSQFLFEMGQGPRGGKKMIKALTNTPLKWGKKIISLFAEDDFNGNKLYMHPGVLTAGRMSEMGACFGVVPVSN
PEDAVLGSGHSKSLLNYKIDTNAGNPCAKEIVQLFRIQKAGFDLDSMDIVASEHLLHQSLVGKRCHFQNAYKVKGNATNV
EIV
;
_entity_poly.pdbx_strand_id   A,B
#
# COMPACT_ATOMS: atom_id res chain seq x y z
N MET A 1 -11.75 -25.62 16.93
CA MET A 1 -11.92 -25.58 15.47
C MET A 1 -10.72 -26.25 14.79
N GLU A 2 -10.61 -26.09 13.47
CA GLU A 2 -9.58 -26.79 12.70
C GLU A 2 -8.59 -25.84 12.04
N ASN A 3 -7.40 -26.36 11.73
CA ASN A 3 -6.34 -25.63 11.02
C ASN A 3 -6.78 -25.12 9.63
N GLN A 4 -6.99 -23.82 9.50
CA GLN A 4 -7.52 -23.22 8.27
C GLN A 4 -6.47 -22.99 7.21
N ILE A 5 -5.21 -23.23 7.55
CA ILE A 5 -4.15 -22.99 6.58
C ILE A 5 -3.92 -24.31 5.82
N LYS A 6 -4.86 -24.63 4.95
CA LYS A 6 -4.82 -25.92 4.29
C LYS A 6 -3.86 -25.80 3.13
N ALA A 7 -2.73 -26.48 3.26
CA ALA A 7 -1.69 -26.43 2.25
C ALA A 7 -0.77 -27.63 2.42
N ASN A 8 -0.51 -28.36 1.34
CA ASN A 8 0.41 -29.50 1.42
C ASN A 8 1.70 -29.26 0.64
N THR A 9 1.79 -28.12 -0.03
CA THR A 9 2.99 -27.75 -0.78
C THR A 9 3.21 -26.25 -0.70
N LYS A 10 4.42 -25.81 -1.04
CA LYS A 10 4.70 -24.39 -1.19
C LYS A 10 3.73 -23.77 -2.19
N LYS A 11 3.37 -24.55 -3.23
CA LYS A 11 2.38 -24.11 -4.21
C LYS A 11 1.03 -23.86 -3.53
N GLU A 12 0.41 -24.91 -2.98
CA GLU A 12 -0.86 -24.78 -2.25
C GLU A 12 -0.81 -23.73 -1.16
N TYR A 13 0.31 -23.63 -0.44
CA TYR A 13 0.40 -22.61 0.60
C TYR A 13 0.33 -21.21 -0.03
N ASP A 14 1.06 -20.97 -1.12
CA ASP A 14 0.98 -19.70 -1.87
C ASP A 14 -0.44 -19.37 -2.33
N GLU A 15 -1.16 -20.41 -2.73
CA GLU A 15 -2.52 -20.28 -3.22
C GLU A 15 -3.45 -19.86 -2.09
N TRP A 16 -3.12 -20.31 -0.87
CA TRP A 16 -3.78 -19.83 0.34
C TRP A 16 -3.42 -18.39 0.68
N PHE A 17 -2.15 -18.03 0.51
CA PHE A 17 -1.61 -16.81 1.10
C PHE A 17 -2.00 -15.53 0.36
N LYS A 18 -2.11 -15.62 -0.97
CA LYS A 18 -2.44 -14.45 -1.80
C LYS A 18 -3.77 -13.79 -1.34
N PRO A 19 -4.85 -14.59 -1.20
CA PRO A 19 -6.07 -13.91 -0.76
C PRO A 19 -5.97 -13.46 0.68
N TYR A 20 -5.32 -14.27 1.51
CA TYR A 20 -5.16 -13.96 2.92
C TYR A 20 -4.39 -12.65 3.10
N ALA A 21 -3.30 -12.47 2.36
CA ALA A 21 -2.47 -11.27 2.50
C ALA A 21 -3.23 -10.04 2.09
N GLU A 22 -4.00 -10.19 1.01
CA GLU A 22 -4.86 -9.13 0.53
C GLU A 22 -5.89 -8.74 1.59
N LYS A 23 -6.50 -9.74 2.24
CA LYS A 23 -7.48 -9.49 3.29
C LYS A 23 -6.91 -8.73 4.50
N THR A 24 -5.79 -9.20 5.04
CA THR A 24 -5.22 -8.64 6.25
C THR A 24 -4.38 -7.36 6.06
N HIS A 25 -4.22 -6.91 4.82
CA HIS A 25 -3.54 -5.64 4.52
C HIS A 25 -2.15 -5.58 5.16
N LEU A 26 -1.24 -6.39 4.63
CA LEU A 26 0.12 -6.49 5.17
C LEU A 26 1.02 -5.34 4.72
N LYS A 27 2.12 -5.11 5.44
CA LYS A 27 3.00 -3.97 5.17
C LYS A 27 4.48 -4.34 5.16
N SER A 28 5.25 -3.58 4.39
CA SER A 28 6.67 -3.87 4.21
C SER A 28 7.53 -2.66 4.50
N VAL A 29 6.94 -1.61 5.08
CA VAL A 29 7.70 -0.39 5.24
C VAL A 29 8.83 -0.61 6.26
N LEU A 30 8.53 -1.15 7.43
CA LEU A 30 9.56 -1.24 8.46
C LEU A 30 10.11 -2.66 8.71
N THR A 31 9.65 -3.67 7.98
CA THR A 31 10.06 -5.05 8.27
C THR A 31 10.41 -5.85 7.03
N ASN A 32 11.30 -6.83 7.15
CA ASN A 32 11.77 -7.58 5.99
C ASN A 32 10.63 -8.36 5.31
N SER A 33 10.17 -9.43 5.96
CA SER A 33 8.96 -10.14 5.54
C SER A 33 7.76 -9.29 5.92
N ALA A 34 6.74 -9.23 5.07
CA ALA A 34 5.65 -8.28 5.30
C ALA A 34 4.87 -8.56 6.59
N SER A 35 4.62 -7.49 7.34
CA SER A 35 4.07 -7.61 8.68
C SER A 35 2.85 -6.72 8.86
N PHE A 36 2.44 -6.51 10.12
CA PHE A 36 1.31 -5.64 10.43
C PHE A 36 1.81 -4.29 10.88
N CYS A 37 3.10 -4.06 10.72
CA CYS A 37 3.71 -2.86 11.25
C CYS A 37 3.55 -1.65 10.32
N ASP A 38 2.88 -0.60 10.80
CA ASP A 38 2.77 0.61 9.99
C ASP A 38 3.65 1.70 10.56
N ALA A 39 4.03 1.53 11.83
CA ALA A 39 4.82 2.52 12.56
C ALA A 39 5.67 1.88 13.65
N LEU A 40 6.72 2.60 14.06
CA LEU A 40 7.72 2.05 14.96
C LEU A 40 7.34 2.30 16.40
N PRO A 41 7.10 1.24 17.17
CA PRO A 41 6.70 1.31 18.57
C PRO A 41 7.63 2.18 19.39
N ASP A 42 7.05 3.10 20.16
CA ASP A 42 7.82 3.92 21.05
C ASP A 42 7.70 3.30 22.44
N LEU A 43 8.80 2.72 22.91
CA LEU A 43 8.79 1.98 24.16
C LEU A 43 9.17 2.83 25.34
N SER A 44 9.26 4.16 25.17
CA SER A 44 9.77 5.07 26.22
C SER A 44 8.96 5.11 27.51
N ILE A 45 7.64 5.14 27.38
CA ILE A 45 6.73 5.02 28.52
C ILE A 45 7.20 3.97 29.53
N PHE A 46 7.74 2.87 29.03
CA PHE A 46 8.17 1.79 29.89
C PHE A 46 9.45 2.11 30.70
N GLU A 47 10.40 2.87 30.14
CA GLU A 47 11.50 3.40 30.97
C GLU A 47 10.93 4.12 32.18
N VAL A 48 9.93 4.93 31.93
CA VAL A 48 9.35 5.75 32.98
C VAL A 48 8.70 4.86 34.02
N LYS A 49 7.82 3.96 33.56
CA LYS A 49 7.15 3.01 34.47
C LYS A 49 8.18 2.26 35.28
N MET A 50 9.21 1.79 34.59
CA MET A 50 10.30 1.04 35.19
C MET A 50 11.00 1.86 36.27
N GLY A 51 11.56 3.00 35.87
CA GLY A 51 12.19 3.92 36.80
C GLY A 51 11.36 4.32 38.01
N LEU A 52 10.08 3.98 38.03
CA LEU A 52 9.19 4.31 39.15
C LEU A 52 8.64 3.07 39.86
N ALA A 53 9.35 1.96 39.77
CA ALA A 53 8.88 0.72 40.37
C ALA A 53 9.77 0.28 41.51
N THR A 54 9.21 -0.51 42.41
CA THR A 54 9.95 -0.98 43.57
C THR A 54 10.37 -2.45 43.50
N ASP A 55 9.40 -3.38 43.59
CA ASP A 55 9.76 -4.80 43.58
C ASP A 55 9.92 -5.32 42.15
N ASP A 56 10.75 -6.34 42.03
CA ASP A 56 11.26 -6.80 40.73
C ASP A 56 10.22 -7.59 39.95
N ARG A 57 9.15 -7.98 40.59
CA ARG A 57 8.10 -8.68 39.90
C ARG A 57 7.22 -7.68 39.15
N GLU A 58 7.07 -6.47 39.70
CA GLU A 58 6.50 -5.36 38.94
C GLU A 58 7.39 -5.04 37.76
N LYS A 59 8.71 -5.06 37.99
CA LYS A 59 9.68 -4.70 36.94
C LYS A 59 9.69 -5.75 35.83
N ASP A 60 9.46 -7.00 36.20
CA ASP A 60 9.47 -8.07 35.23
C ASP A 60 8.28 -7.91 34.32
N SER A 61 7.16 -7.57 34.94
CA SER A 61 5.89 -7.34 34.24
C SER A 61 6.01 -6.19 33.25
N ILE A 62 6.71 -5.14 33.69
CA ILE A 62 6.93 -3.95 32.86
C ILE A 62 7.74 -4.26 31.59
N TYR A 63 8.86 -4.95 31.78
CA TYR A 63 9.68 -5.39 30.65
C TYR A 63 8.91 -6.32 29.71
N ALA A 64 8.14 -7.26 30.27
CA ALA A 64 7.34 -8.14 29.44
C ALA A 64 6.34 -7.36 28.62
N CYS A 65 5.79 -6.28 29.17
CA CYS A 65 4.84 -5.46 28.40
C CYS A 65 5.50 -4.69 27.28
N ALA A 66 6.75 -4.28 27.50
CA ALA A 66 7.47 -3.54 26.47
C ALA A 66 7.83 -4.50 25.34
N MET A 67 8.11 -5.74 25.71
CA MET A 67 8.48 -6.70 24.69
C MET A 67 7.28 -7.01 23.82
N VAL A 68 6.11 -7.12 24.43
CA VAL A 68 4.88 -7.32 23.68
C VAL A 68 4.64 -6.14 22.74
N GLU A 69 4.84 -4.91 23.21
CA GLU A 69 4.59 -3.74 22.34
C GLU A 69 5.55 -3.65 21.17
N ALA A 70 6.79 -4.03 21.42
CA ALA A 70 7.80 -3.98 20.39
C ALA A 70 7.53 -4.99 19.28
N THR A 71 6.90 -6.11 19.60
CA THR A 71 6.83 -7.20 18.63
C THR A 71 5.44 -7.68 18.22
N LYS A 72 4.43 -7.11 18.84
CA LYS A 72 3.01 -7.39 18.59
C LYS A 72 2.68 -7.36 17.08
N PHE A 73 3.26 -6.41 16.36
CA PHE A 73 2.86 -6.23 14.97
C PHE A 73 3.97 -6.39 13.95
N CYS A 74 5.10 -7.00 14.34
CA CYS A 74 6.20 -7.09 13.38
C CYS A 74 6.56 -8.50 12.95
N ALA A 75 5.74 -9.48 13.28
CA ALA A 75 6.06 -10.86 12.95
C ALA A 75 5.94 -11.15 11.44
N PRO A 76 6.82 -12.01 10.92
CA PRO A 76 6.80 -12.41 9.50
C PRO A 76 5.59 -13.31 9.21
N ILE A 77 4.53 -12.71 8.69
CA ILE A 77 3.26 -13.41 8.55
C ILE A 77 3.37 -14.57 7.56
N TYR A 78 3.92 -14.27 6.38
CA TYR A 78 4.11 -15.27 5.35
C TYR A 78 4.84 -16.51 5.86
N GLU A 79 5.92 -16.32 6.61
CA GLU A 79 6.67 -17.50 7.09
C GLU A 79 5.92 -18.19 8.22
N CYS A 80 5.32 -17.40 9.11
CA CYS A 80 4.51 -17.98 10.18
C CYS A 80 3.38 -18.86 9.64
N GLY A 81 2.68 -18.39 8.62
CA GLY A 81 1.65 -19.20 7.98
C GLY A 81 2.23 -20.52 7.53
N TRP A 82 3.37 -20.43 6.84
CA TRP A 82 4.04 -21.58 6.25
C TRP A 82 4.57 -22.57 7.30
N ALA A 83 5.01 -22.03 8.43
CA ALA A 83 5.48 -22.89 9.50
C ALA A 83 4.28 -23.61 10.09
N CYS A 84 3.10 -23.03 9.90
CA CYS A 84 1.92 -23.52 10.59
C CYS A 84 0.87 -24.19 9.69
N CYS A 85 1.14 -24.29 8.38
CA CYS A 85 0.19 -24.83 7.41
C CYS A 85 0.06 -26.34 7.62
N THR A 86 -1.01 -26.92 7.10
CA THR A 86 -1.41 -28.28 7.47
C THR A 86 -0.42 -29.35 7.07
N GLY A 87 0.30 -29.14 5.97
CA GLY A 87 1.30 -30.11 5.54
C GLY A 87 2.48 -30.09 6.48
N MET A 88 2.89 -28.87 6.82
CA MET A 88 3.99 -28.66 7.74
C MET A 88 3.68 -29.27 9.10
N VAL A 89 2.46 -29.07 9.60
CA VAL A 89 2.12 -29.55 10.93
C VAL A 89 2.20 -31.05 10.94
N GLU A 90 1.52 -31.66 9.97
CA GLU A 90 1.50 -33.09 9.78
C GLU A 90 2.91 -33.72 9.63
N ASN A 91 3.75 -33.10 8.80
CA ASN A 91 5.05 -33.68 8.49
C ASN A 91 6.13 -33.33 9.50
N GLY A 92 6.22 -32.05 9.87
CA GLY A 92 7.09 -31.58 10.94
C GLY A 92 6.96 -32.38 12.23
N LEU A 93 5.76 -32.81 12.56
CA LEU A 93 5.55 -33.58 13.77
C LEU A 93 5.91 -35.05 13.56
N LYS A 94 5.42 -35.67 12.49
CA LYS A 94 5.71 -37.10 12.27
C LYS A 94 7.18 -37.34 11.92
N TRP A 95 7.88 -36.32 11.40
CA TRP A 95 9.31 -36.41 11.15
C TRP A 95 10.06 -36.99 12.31
N PHE A 96 9.68 -36.63 13.52
CA PHE A 96 10.40 -37.11 14.69
C PHE A 96 10.19 -38.60 14.93
N ASP A 97 8.98 -39.10 14.64
CA ASP A 97 8.70 -40.53 14.81
C ASP A 97 9.51 -41.41 13.86
N LYS A 98 9.88 -40.85 12.69
CA LYS A 98 10.70 -41.55 11.70
C LYS A 98 12.18 -41.50 12.05
N ASN A 99 12.59 -40.45 12.77
CA ASN A 99 14.00 -40.14 12.96
C ASN A 99 14.44 -40.26 14.42
N LYS A 100 13.92 -41.26 15.11
CA LYS A 100 14.30 -41.49 16.49
C LYS A 100 15.80 -41.66 16.69
N ASP A 101 16.52 -42.07 15.65
CA ASP A 101 17.95 -42.33 15.76
C ASP A 101 18.79 -41.09 15.57
N VAL A 102 18.36 -40.21 14.65
CA VAL A 102 19.01 -38.92 14.39
C VAL A 102 18.95 -37.99 15.62
N ILE A 103 18.02 -38.24 16.54
CA ILE A 103 17.85 -37.37 17.70
C ILE A 103 18.19 -38.05 19.04
N LYS A 104 18.55 -39.34 19.01
CA LYS A 104 18.77 -40.12 20.23
C LYS A 104 19.81 -39.55 21.22
N LEU A 105 20.83 -38.87 20.71
CA LEU A 105 21.92 -38.43 21.58
C LEU A 105 21.46 -37.44 22.62
N TRP A 106 20.48 -36.61 22.29
CA TRP A 106 19.92 -35.63 23.22
C TRP A 106 18.53 -36.00 23.70
N ASP A 107 17.66 -36.35 22.76
CA ASP A 107 16.30 -36.75 23.07
C ASP A 107 16.29 -37.88 24.12
N GLY A 108 17.19 -38.84 23.94
CA GLY A 108 17.25 -40.01 24.78
C GLY A 108 17.92 -39.71 26.10
N LYS A 109 18.45 -38.50 26.21
CA LYS A 109 19.10 -38.07 27.43
C LYS A 109 18.47 -36.76 27.85
N TYR A 110 17.20 -36.61 27.52
CA TYR A 110 16.48 -35.37 27.75
C TYR A 110 16.43 -35.05 29.23
N SER A 111 16.05 -36.04 30.03
CA SER A 111 15.88 -35.86 31.45
C SER A 111 17.17 -35.35 32.09
N ASP A 112 18.30 -35.84 31.60
CA ASP A 112 19.60 -35.41 32.08
C ASP A 112 19.94 -33.96 31.67
N LEU A 113 19.54 -33.56 30.46
CA LEU A 113 19.91 -32.26 29.91
C LEU A 113 19.03 -31.13 30.45
N MET A 114 17.99 -31.51 31.20
CA MET A 114 17.23 -30.57 32.02
C MET A 114 18.06 -30.08 33.22
N LYS A 115 19.16 -30.77 33.52
CA LYS A 115 19.91 -30.51 34.74
C LYS A 115 21.39 -30.21 34.51
N ASN A 116 21.97 -30.74 33.44
CA ASN A 116 23.41 -30.54 33.15
C ASN A 116 23.78 -30.08 31.73
N VAL A 117 24.90 -29.39 31.62
CA VAL A 117 25.43 -28.91 30.34
C VAL A 117 25.71 -30.08 29.36
N PRO A 118 25.34 -29.93 28.08
CA PRO A 118 25.49 -31.08 27.20
C PRO A 118 26.93 -31.34 26.73
N GLU A 119 27.20 -32.54 26.25
CA GLU A 119 28.48 -32.85 25.63
C GLU A 119 28.47 -32.32 24.21
N PRO A 120 29.66 -32.09 23.62
CA PRO A 120 29.69 -31.53 22.27
C PRO A 120 28.89 -32.34 21.24
N GLU A 121 28.94 -33.66 21.33
CA GLU A 121 28.32 -34.48 20.30
C GLU A 121 26.79 -34.36 20.34
N GLN A 122 26.24 -34.06 21.51
CA GLN A 122 24.81 -33.79 21.63
C GLN A 122 24.39 -32.51 20.89
N LEU A 123 25.25 -31.51 20.94
CA LEU A 123 25.05 -30.28 20.17
C LEU A 123 25.24 -30.51 18.65
N VAL A 124 26.26 -31.27 18.27
CA VAL A 124 26.46 -31.63 16.87
C VAL A 124 25.25 -32.41 16.34
N ALA A 125 24.71 -33.30 17.17
CA ALA A 125 23.57 -34.09 16.78
C ALA A 125 22.35 -33.17 16.55
N TYR A 126 22.08 -32.28 17.51
CA TYR A 126 20.94 -31.39 17.42
C TYR A 126 20.99 -30.50 16.18
N GLN A 127 22.15 -29.92 15.86
CA GLN A 127 22.26 -29.00 14.72
C GLN A 127 22.15 -29.69 13.38
N ARG A 128 22.58 -30.94 13.32
CA ARG A 128 22.49 -31.68 12.08
C ARG A 128 21.09 -32.24 11.92
N ALA A 129 20.50 -32.67 13.05
CA ALA A 129 19.09 -33.07 13.10
C ALA A 129 18.19 -31.96 12.51
N ALA A 130 18.42 -30.72 12.97
CA ALA A 130 17.68 -29.57 12.49
C ALA A 130 17.81 -29.40 10.99
N GLN A 131 19.01 -29.63 10.46
CA GLN A 131 19.21 -29.43 9.03
C GLN A 131 18.43 -30.51 8.30
N LYS A 132 18.45 -31.73 8.84
CA LYS A 132 17.77 -32.85 8.19
C LYS A 132 16.28 -32.53 8.11
N TRP A 133 15.71 -32.12 9.24
CA TRP A 133 14.33 -31.63 9.31
C TRP A 133 13.99 -30.63 8.19
N ARG A 134 14.81 -29.60 8.04
CA ARG A 134 14.54 -28.55 7.05
C ARG A 134 14.67 -29.04 5.60
N GLN A 135 15.51 -30.03 5.39
CA GLN A 135 15.58 -30.69 4.09
C GLN A 135 14.37 -31.64 3.94
N ASP A 136 14.26 -32.62 4.85
CA ASP A 136 13.18 -33.60 4.77
C ASP A 136 11.80 -32.96 4.61
N ASN A 137 11.54 -31.87 5.32
CA ASN A 137 10.21 -31.28 5.32
C ASN A 137 10.08 -30.12 4.35
N LYS A 138 11.16 -29.86 3.62
CA LYS A 138 11.13 -28.87 2.53
C LYS A 138 10.81 -27.49 3.07
N PHE A 139 11.33 -27.21 4.26
CA PHE A 139 10.98 -25.98 4.93
C PHE A 139 11.58 -24.72 4.27
N GLU A 140 12.79 -24.81 3.71
CA GLU A 140 13.45 -23.59 3.25
C GLU A 140 12.98 -23.18 1.87
N ILE A 141 12.11 -22.18 1.85
CA ILE A 141 11.37 -21.81 0.65
C ILE A 141 11.66 -20.38 0.22
N ASN A 142 12.56 -19.71 0.92
CA ASN A 142 12.93 -18.32 0.60
C ASN A 142 14.10 -17.86 1.45
N GLN A 143 14.43 -16.58 1.40
CA GLN A 143 15.56 -16.08 2.15
C GLN A 143 15.33 -16.15 3.64
N TYR A 144 14.11 -15.86 4.07
CA TYR A 144 13.80 -15.70 5.48
C TYR A 144 13.51 -17.04 6.17
N THR A 145 13.66 -18.15 5.44
CA THR A 145 13.55 -19.48 6.05
C THR A 145 14.80 -20.33 5.74
N ARG A 146 15.82 -19.69 5.19
CA ARG A 146 17.04 -20.39 4.77
C ARG A 146 18.06 -20.53 5.89
N SER A 147 18.84 -21.59 5.82
CA SER A 147 20.03 -21.71 6.65
C SER A 147 21.08 -20.76 6.12
N LEU A 148 21.62 -19.89 6.99
CA LEU A 148 22.65 -18.94 6.56
C LEU A 148 24.04 -19.58 6.64
N THR A 149 24.88 -19.37 5.62
CA THR A 149 26.24 -19.93 5.67
C THR A 149 27.32 -18.88 5.42
N HIS A 150 26.92 -17.64 5.18
CA HIS A 150 27.84 -16.51 5.06
C HIS A 150 28.69 -16.31 6.34
N SER A 151 29.57 -15.32 6.34
CA SER A 151 30.41 -15.10 7.51
C SER A 151 30.18 -13.70 8.10
N VAL A 152 30.30 -13.61 9.43
CA VAL A 152 29.90 -12.41 10.17
C VAL A 152 30.52 -11.17 9.55
N GLN A 153 29.69 -10.37 8.90
CA GLN A 153 30.10 -9.10 8.32
C GLN A 153 30.80 -8.19 9.34
N ALA A 154 31.94 -7.64 8.94
CA ALA A 154 32.75 -6.79 9.83
C ALA A 154 32.10 -5.44 10.12
N ASP A 155 31.00 -5.18 9.42
CA ASP A 155 30.38 -3.87 9.41
C ASP A 155 28.95 -3.90 9.94
N TYR A 156 28.58 -2.93 10.75
CA TYR A 156 27.20 -2.84 11.22
C TYR A 156 26.74 -1.40 11.45
N LYS A 157 25.79 -0.95 10.63
CA LYS A 157 25.45 0.46 10.61
C LYS A 157 24.21 0.84 11.42
N VAL A 158 24.36 1.93 12.16
CA VAL A 158 23.38 2.35 13.13
C VAL A 158 23.27 3.87 13.07
N PRO A 159 22.06 4.42 13.25
CA PRO A 159 21.87 5.87 13.33
C PRO A 159 22.68 6.52 14.45
N GLY A 160 23.06 7.79 14.26
CA GLY A 160 23.92 8.47 15.19
C GLY A 160 23.49 8.39 16.65
N GLU A 161 22.28 8.88 16.91
CA GLU A 161 21.66 8.88 18.24
C GLU A 161 21.81 7.56 18.97
N TYR A 162 21.62 6.48 18.24
CA TYR A 162 21.70 5.16 18.85
C TYR A 162 23.11 4.56 18.80
N ALA A 163 23.96 5.04 17.88
CA ALA A 163 25.26 4.39 17.63
C ALA A 163 26.12 4.37 18.88
N VAL A 164 25.80 5.24 19.83
CA VAL A 164 26.46 5.24 21.13
C VAL A 164 26.13 4.00 21.94
N GLU A 165 24.85 3.87 22.26
CA GLU A 165 24.35 2.87 23.19
C GLU A 165 24.55 1.46 22.66
N VAL A 166 24.49 1.33 21.34
CA VAL A 166 24.84 0.09 20.67
C VAL A 166 26.26 -0.35 21.04
N LYS A 167 27.22 0.57 20.84
CA LYS A 167 28.61 0.32 21.19
C LYS A 167 28.71 0.00 22.68
N GLU A 168 27.90 0.65 23.50
CA GLU A 168 27.85 0.31 24.92
C GLU A 168 27.38 -1.13 25.12
N MET A 169 26.41 -1.55 24.32
CA MET A 169 25.95 -2.93 24.36
C MET A 169 27.10 -3.82 23.92
N LEU A 170 27.75 -3.44 22.83
CA LEU A 170 28.89 -4.21 22.32
C LEU A 170 29.90 -4.43 23.43
N SER A 171 30.23 -3.37 24.16
CA SER A 171 31.24 -3.44 25.21
C SER A 171 30.88 -4.48 26.26
N ASP A 172 29.64 -4.48 26.73
CA ASP A 172 29.28 -5.42 27.78
C ASP A 172 29.30 -6.83 27.24
N MET A 173 29.01 -6.99 25.96
CA MET A 173 28.97 -8.31 25.38
C MET A 173 30.39 -8.87 25.29
N VAL A 174 31.33 -8.00 24.99
CA VAL A 174 32.73 -8.36 24.90
C VAL A 174 33.24 -8.76 26.30
N ARG A 175 32.94 -7.91 27.27
CA ARG A 175 33.19 -8.17 28.68
C ARG A 175 32.74 -9.58 29.04
N ARG A 176 31.49 -9.87 28.67
CA ARG A 176 30.83 -11.13 29.01
C ARG A 176 31.50 -12.32 28.37
N ARG A 177 31.88 -12.16 27.09
CA ARG A 177 32.53 -13.23 26.33
C ARG A 177 33.81 -13.70 27.05
N ASN A 178 34.65 -12.74 27.43
CA ASN A 178 35.88 -12.97 28.19
C ASN A 178 35.73 -13.74 29.51
N ILE A 179 34.72 -13.39 30.29
CA ILE A 179 34.47 -14.10 31.53
C ILE A 179 33.98 -15.54 31.24
N LEU A 180 33.51 -15.78 30.03
CA LEU A 180 33.11 -17.14 29.67
C LEU A 180 34.32 -17.94 29.18
N LEU A 181 35.17 -17.31 28.39
CA LEU A 181 36.38 -17.98 27.92
C LEU A 181 37.29 -18.27 29.11
N ASN A 182 37.65 -17.24 29.86
CA ASN A 182 38.66 -17.37 30.91
C ASN A 182 38.16 -18.00 32.20
N HIS A 198 44.72 -39.00 30.62
CA HIS A 198 44.51 -39.20 29.19
C HIS A 198 44.49 -37.84 28.48
N VAL A 199 44.72 -36.79 29.25
CA VAL A 199 44.77 -35.42 28.71
C VAL A 199 46.21 -34.94 28.50
N ASN A 200 47.16 -35.54 29.21
CA ASN A 200 48.57 -35.21 29.01
C ASN A 200 49.09 -35.83 27.70
N TRP A 201 48.45 -36.93 27.29
CA TRP A 201 48.74 -37.55 26.01
C TRP A 201 48.58 -36.54 24.90
N GLY A 202 47.42 -35.89 24.89
CA GLY A 202 47.10 -34.84 23.95
C GLY A 202 48.08 -33.68 24.02
N ARG A 203 48.40 -33.27 25.24
CA ARG A 203 49.29 -32.13 25.41
C ARG A 203 50.71 -32.50 24.95
N GLU A 204 51.06 -33.79 25.02
CA GLU A 204 52.39 -34.20 24.60
C GLU A 204 52.41 -34.32 23.08
N LEU A 205 51.34 -34.86 22.53
CA LEU A 205 51.22 -34.93 21.09
C LEU A 205 51.30 -33.55 20.45
N ALA A 206 50.86 -32.52 21.17
CA ALA A 206 50.85 -31.15 20.64
C ALA A 206 52.21 -30.48 20.73
N ALA A 207 53.02 -30.89 21.69
CA ALA A 207 54.32 -30.27 21.88
C ALA A 207 55.35 -30.96 21.00
N GLY A 208 54.92 -31.95 20.23
CA GLY A 208 55.75 -32.55 19.20
C GLY A 208 56.19 -33.99 19.43
N LYS A 209 55.78 -34.54 20.57
CA LYS A 209 56.20 -35.87 20.97
C LYS A 209 55.31 -36.90 20.34
N PHE A 210 55.43 -37.06 19.04
CA PHE A 210 54.51 -37.90 18.29
C PHE A 210 54.58 -39.34 18.73
N GLN A 211 55.77 -39.79 19.18
CA GLN A 211 55.96 -41.17 19.62
C GLN A 211 54.95 -41.61 20.70
N VAL A 212 54.36 -40.65 21.41
CA VAL A 212 53.28 -40.99 22.32
C VAL A 212 52.14 -41.70 21.58
N VAL A 213 52.04 -41.55 20.26
CA VAL A 213 50.99 -42.28 19.55
C VAL A 213 51.30 -43.78 19.40
N PHE A 214 52.55 -44.17 19.64
CA PHE A 214 52.95 -45.58 19.64
C PHE A 214 52.45 -46.30 20.88
N ASN A 215 52.18 -45.51 21.91
CA ASN A 215 51.93 -46.05 23.23
C ASN A 215 51.06 -45.12 24.08
N PRO A 216 49.75 -45.11 23.79
CA PRO A 216 48.80 -44.30 24.54
C PRO A 216 48.59 -44.84 25.96
N PRO A 217 48.47 -43.96 26.95
CA PRO A 217 48.32 -44.42 28.33
C PRO A 217 47.06 -45.25 28.57
N TRP A 218 46.01 -45.06 27.77
CA TRP A 218 44.75 -45.80 27.95
C TRP A 218 44.69 -47.11 27.18
N GLY A 219 45.72 -47.38 26.39
CA GLY A 219 45.69 -48.58 25.56
C GLY A 219 45.75 -48.29 24.08
N ASP A 220 44.95 -49.04 23.33
CA ASP A 220 44.95 -48.95 21.88
C ASP A 220 44.52 -47.57 21.34
N ILE A 221 45.18 -47.11 20.26
CA ILE A 221 44.92 -45.77 19.69
C ILE A 221 43.51 -45.65 19.09
N ASN A 222 42.94 -46.76 18.66
CA ASN A 222 41.60 -46.71 18.07
C ASN A 222 40.51 -46.86 19.12
N LYS A 223 40.89 -46.91 20.40
CA LYS A 223 39.95 -47.21 21.49
C LYS A 223 38.98 -46.06 21.85
N THR A 224 37.74 -46.42 22.12
CA THR A 224 36.68 -45.44 22.38
C THR A 224 36.30 -45.24 23.86
N GLY A 225 35.37 -44.31 24.10
CA GLY A 225 34.82 -44.10 25.43
C GLY A 225 33.33 -43.80 25.42
N ARG A 226 32.98 -42.63 25.97
CA ARG A 226 31.63 -42.09 25.94
C ARG A 226 31.19 -41.74 24.52
N SER A 227 29.92 -42.02 24.20
CA SER A 227 29.38 -41.82 22.87
C SER A 227 30.22 -42.50 21.79
N GLY A 228 30.97 -43.53 22.18
CA GLY A 228 31.83 -44.21 21.23
C GLY A 228 32.85 -43.32 20.54
N ILE A 229 33.08 -42.11 21.04
CA ILE A 229 34.16 -41.29 20.50
C ILE A 229 35.51 -41.91 20.90
N PRO A 230 36.48 -41.96 19.97
CA PRO A 230 37.83 -42.41 20.35
C PRO A 230 38.39 -41.59 21.48
N LEU A 231 39.06 -42.23 22.43
CA LEU A 231 39.72 -41.54 23.53
C LEU A 231 40.75 -40.56 23.00
N ALA A 232 41.34 -40.90 21.85
CA ALA A 232 42.29 -40.03 21.16
C ALA A 232 41.68 -38.69 20.84
N VAL A 233 40.44 -38.72 20.37
CA VAL A 233 39.71 -37.53 19.94
C VAL A 233 39.25 -36.68 21.13
N THR A 234 38.61 -37.31 22.12
CA THR A 234 38.21 -36.61 23.33
C THR A 234 39.41 -36.02 24.06
N SER A 235 40.55 -36.68 23.97
CA SER A 235 41.76 -36.12 24.56
C SER A 235 42.16 -34.85 23.87
N MET A 236 42.02 -34.84 22.53
CA MET A 236 42.42 -33.70 21.71
C MET A 236 41.43 -32.53 21.86
N VAL A 237 40.14 -32.84 21.89
CA VAL A 237 39.13 -31.82 22.17
C VAL A 237 39.42 -31.14 23.51
N LYS A 238 39.59 -31.95 24.56
CA LYS A 238 39.97 -31.46 25.91
C LYS A 238 41.27 -30.61 25.93
N VAL A 239 42.24 -30.92 25.10
CA VAL A 239 43.42 -30.07 25.01
C VAL A 239 43.08 -28.74 24.31
N ALA A 240 42.16 -28.77 23.37
CA ALA A 240 41.72 -27.53 22.71
C ALA A 240 40.99 -26.63 23.71
N GLU A 241 40.11 -27.25 24.49
CA GLU A 241 39.32 -26.59 25.52
C GLU A 241 40.15 -25.91 26.61
N LEU A 242 41.38 -26.35 26.81
CA LEU A 242 42.20 -25.82 27.90
C LEU A 242 43.39 -25.00 27.45
N ASP A 243 44.09 -25.47 26.44
CA ASP A 243 45.26 -24.74 25.98
C ASP A 243 44.93 -23.89 24.75
N GLY A 244 43.63 -23.81 24.46
CA GLY A 244 43.18 -22.92 23.41
C GLY A 244 43.11 -23.62 22.06
N HIS A 245 42.42 -22.98 21.13
CA HIS A 245 42.11 -23.60 19.85
C HIS A 245 43.34 -23.89 19.00
N LYS A 246 44.28 -22.95 18.96
CA LYS A 246 45.43 -23.04 18.03
C LYS A 246 46.35 -24.22 18.26
N ARG A 247 46.05 -24.97 19.30
CA ARG A 247 46.91 -26.05 19.72
C ARG A 247 46.70 -27.31 18.87
N LEU A 248 45.47 -27.50 18.37
CA LEU A 248 45.15 -28.60 17.46
C LEU A 248 45.94 -28.52 16.17
N GLU A 249 46.49 -27.34 15.87
CA GLU A 249 47.27 -27.16 14.67
C GLU A 249 48.73 -27.45 14.92
N ASP A 250 49.16 -27.32 16.18
CA ASP A 250 50.46 -27.83 16.58
C ASP A 250 50.46 -29.34 16.41
N ILE A 251 49.30 -29.95 16.62
CA ILE A 251 49.12 -31.39 16.45
C ILE A 251 49.08 -31.82 14.98
N ARG A 252 48.64 -30.95 14.08
CA ARG A 252 48.77 -31.25 12.65
C ARG A 252 50.25 -31.17 12.24
N LYS A 253 50.98 -30.20 12.78
CA LYS A 253 52.40 -30.10 12.49
C LYS A 253 53.15 -31.30 13.10
N THR A 254 52.62 -31.81 14.21
CA THR A 254 53.25 -32.94 14.88
C THR A 254 53.01 -34.21 14.09
N LEU A 255 51.78 -34.41 13.63
CA LEU A 255 51.47 -35.52 12.76
C LEU A 255 52.35 -35.49 11.50
N LEU A 256 52.71 -34.29 11.06
CA LEU A 256 53.61 -34.17 9.92
C LEU A 256 54.98 -34.75 10.26
N ASP A 257 55.48 -34.42 11.45
CA ASP A 257 56.76 -34.93 11.89
C ASP A 257 56.72 -36.45 12.06
N LEU A 258 55.57 -36.95 12.54
CA LEU A 258 55.33 -38.38 12.60
C LEU A 258 55.45 -39.04 11.23
N LYS A 259 54.78 -38.44 10.23
CA LYS A 259 54.74 -38.96 8.86
C LYS A 259 56.13 -38.99 8.25
N LYS A 260 56.88 -37.92 8.43
CA LYS A 260 58.27 -37.87 7.98
C LYS A 260 59.11 -38.89 8.72
N TRP A 261 58.70 -39.24 9.94
CA TRP A 261 59.43 -40.26 10.69
C TRP A 261 59.24 -41.61 10.06
N ILE A 262 57.99 -41.96 9.82
CA ILE A 262 57.73 -43.29 9.31
C ILE A 262 58.36 -43.42 7.92
N GLU A 263 58.22 -42.39 7.10
CA GLU A 263 58.83 -42.36 5.77
C GLU A 263 60.35 -42.48 5.85
N ASP A 264 60.96 -41.92 6.88
CA ASP A 264 62.43 -41.96 6.99
C ASP A 264 62.96 -43.25 7.63
N ASN A 265 62.03 -44.10 8.09
CA ASN A 265 62.35 -45.29 8.86
C ASN A 265 61.31 -46.39 8.69
N LYS A 266 60.70 -46.47 7.50
CA LYS A 266 59.65 -47.47 7.21
C LYS A 266 60.10 -48.86 7.63
N ASP A 267 61.42 -49.02 7.64
CA ASP A 267 62.12 -50.27 7.95
C ASP A 267 61.74 -50.83 9.33
N GLU A 268 61.65 -49.94 10.31
CA GLU A 268 61.45 -50.35 11.69
C GLU A 268 59.99 -50.43 12.10
N LEU A 269 59.11 -50.55 11.11
CA LEU A 269 57.67 -50.64 11.33
C LEU A 269 57.09 -51.80 10.54
N GLU A 270 56.14 -52.53 11.14
CA GLU A 270 55.50 -53.67 10.48
C GLU A 270 54.92 -53.28 9.14
N ASP A 271 54.81 -54.26 8.25
CA ASP A 271 54.43 -54.05 6.86
C ASP A 271 53.29 -53.04 6.70
N GLY A 272 52.08 -53.41 7.13
CA GLY A 272 50.91 -52.59 6.88
C GLY A 272 50.85 -51.33 7.72
N LYS A 273 51.29 -51.49 8.97
CA LYS A 273 51.22 -50.45 9.98
C LYS A 273 52.11 -49.26 9.63
N GLY A 274 51.75 -48.09 10.14
CA GLY A 274 52.52 -46.90 9.85
C GLY A 274 51.74 -45.95 8.95
N ASP A 275 51.33 -46.46 7.79
CA ASP A 275 50.43 -45.70 6.91
C ASP A 275 49.06 -45.73 7.55
N GLU A 276 48.68 -46.88 8.07
CA GLU A 276 47.38 -47.02 8.70
C GLU A 276 47.35 -46.21 9.99
N LEU A 277 48.50 -45.97 10.60
CA LEU A 277 48.54 -45.16 11.81
C LEU A 277 48.28 -43.69 11.50
N VAL A 278 49.08 -43.12 10.60
CA VAL A 278 48.98 -41.72 10.22
C VAL A 278 47.59 -41.37 9.68
N LYS A 279 46.99 -42.29 8.93
CA LYS A 279 45.65 -42.08 8.42
C LYS A 279 44.70 -42.01 9.60
N THR A 280 44.80 -42.96 10.53
CA THR A 280 43.88 -42.98 11.67
C THR A 280 43.96 -41.68 12.45
N LEU A 281 45.19 -41.18 12.65
CA LEU A 281 45.45 -39.99 13.45
C LEU A 281 44.93 -38.73 12.81
N THR A 282 45.30 -38.52 11.55
CA THR A 282 44.78 -37.47 10.69
C THR A 282 43.25 -37.32 10.78
N LYS A 283 42.54 -38.44 10.71
CA LYS A 283 41.10 -38.46 10.86
C LYS A 283 40.67 -37.98 12.24
N GLN A 284 41.34 -38.50 13.26
CA GLN A 284 41.07 -38.13 14.64
C GLN A 284 41.34 -36.65 14.90
N LEU A 285 42.28 -36.07 14.20
CA LEU A 285 42.47 -34.62 14.33
C LEU A 285 41.30 -33.86 13.72
N ALA A 286 40.88 -34.26 12.52
CA ALA A 286 39.74 -33.64 11.86
C ALA A 286 38.49 -33.70 12.73
N ASP A 287 38.28 -34.85 13.36
CA ASP A 287 37.14 -35.06 14.22
C ASP A 287 37.18 -34.17 15.45
N ALA A 288 38.38 -34.00 15.98
CA ALA A 288 38.58 -33.19 17.17
C ALA A 288 38.32 -31.71 16.89
N ILE A 289 38.87 -31.21 15.78
CA ILE A 289 38.69 -29.81 15.42
C ILE A 289 37.21 -29.47 15.28
N GLU A 290 36.48 -30.38 14.63
CA GLU A 290 35.05 -30.24 14.45
C GLU A 290 34.23 -30.34 15.76
N LEU A 291 34.74 -31.07 16.74
CA LEU A 291 34.08 -31.20 18.04
C LEU A 291 34.41 -30.05 18.98
N ALA A 292 35.69 -29.63 18.93
CA ALA A 292 36.20 -28.49 19.68
C ALA A 292 35.46 -27.23 19.30
N LYS A 293 35.36 -26.99 18.00
CA LYS A 293 34.76 -25.79 17.48
C LYS A 293 33.28 -25.65 17.90
N LYS A 294 32.62 -26.78 18.14
CA LYS A 294 31.26 -26.74 18.69
C LYS A 294 31.33 -26.27 20.13
N SER A 295 32.37 -26.70 20.82
CA SER A 295 32.50 -26.37 22.23
C SER A 295 32.92 -24.92 22.43
N SER A 296 33.92 -24.48 21.67
CA SER A 296 34.35 -23.09 21.79
C SER A 296 33.18 -22.15 21.49
N ALA A 297 32.29 -22.54 20.58
CA ALA A 297 31.16 -21.69 20.21
C ALA A 297 30.10 -21.70 21.29
N LEU A 298 29.88 -22.87 21.89
CA LEU A 298 28.86 -22.93 22.92
C LEU A 298 29.32 -22.10 24.10
N ARG A 299 30.58 -22.28 24.49
CA ARG A 299 31.22 -21.52 25.56
C ARG A 299 31.09 -20.02 25.34
N ALA A 300 31.50 -19.58 24.15
CA ALA A 300 31.43 -18.18 23.77
C ALA A 300 30.01 -17.60 23.82
N GLN A 301 29.08 -18.14 23.02
CA GLN A 301 27.80 -17.49 22.79
C GLN A 301 26.54 -18.22 23.29
N GLY A 302 26.73 -19.35 23.94
CA GLY A 302 25.62 -20.12 24.42
C GLY A 302 24.91 -20.88 23.31
N ALA A 303 23.92 -21.66 23.73
CA ALA A 303 23.11 -22.48 22.84
C ALA A 303 22.57 -21.68 21.69
N GLN A 304 22.47 -22.31 20.53
CA GLN A 304 21.79 -21.68 19.41
C GLN A 304 20.54 -22.49 19.09
N ILE A 305 19.40 -21.96 19.53
CA ILE A 305 18.10 -22.57 19.24
C ILE A 305 17.64 -22.30 17.83
N ASP A 306 17.35 -23.38 17.12
CA ASP A 306 16.64 -23.29 15.85
C ASP A 306 15.15 -23.26 16.22
N SER A 307 14.55 -22.07 16.20
CA SER A 307 13.19 -21.89 16.74
C SER A 307 12.18 -22.90 16.24
N ILE A 308 11.93 -22.91 14.94
CA ILE A 308 10.92 -23.82 14.40
C ILE A 308 11.22 -25.30 14.64
N PHE A 309 12.49 -25.69 14.59
CA PHE A 309 12.81 -27.10 14.75
C PHE A 309 12.62 -27.56 16.19
N SER A 310 12.97 -26.70 17.13
CA SER A 310 12.73 -27.01 18.54
C SER A 310 11.24 -26.90 18.85
N SER A 311 10.57 -25.89 18.33
CA SER A 311 9.12 -25.79 18.49
C SER A 311 8.44 -27.10 18.08
N TYR A 312 8.76 -27.67 16.91
CA TYR A 312 8.10 -28.91 16.50
C TYR A 312 8.58 -30.08 17.34
N TYR A 313 9.84 -30.07 17.77
CA TYR A 313 10.30 -31.09 18.70
C TYR A 313 9.50 -31.06 20.02
N TRP A 314 9.34 -29.87 20.61
CA TRP A 314 8.56 -29.76 21.85
C TRP A 314 7.10 -30.11 21.63
N ALA A 315 6.49 -29.61 20.56
CA ALA A 315 5.13 -30.04 20.19
C ALA A 315 5.02 -31.57 20.12
N TRP A 316 5.98 -32.19 19.46
CA TRP A 316 5.97 -33.65 19.28
C TRP A 316 6.11 -34.40 20.62
N LYS A 317 7.06 -33.98 21.47
CA LYS A 317 7.23 -34.59 22.77
C LYS A 317 6.01 -34.39 23.68
N ALA A 318 5.36 -33.23 23.57
CA ALA A 318 4.09 -32.98 24.26
C ALA A 318 2.96 -33.87 23.73
N GLY A 319 3.11 -34.33 22.49
CA GLY A 319 2.14 -35.23 21.90
C GLY A 319 1.10 -34.50 21.08
N ILE A 320 1.40 -33.30 20.63
CA ILE A 320 0.50 -32.54 19.79
C ILE A 320 0.19 -33.31 18.50
N THR A 321 -1.04 -33.21 18.00
CA THR A 321 -1.39 -33.82 16.72
C THR A 321 -1.88 -32.72 15.80
N PRO A 322 -2.00 -33.02 14.50
CA PRO A 322 -2.60 -31.98 13.66
C PRO A 322 -3.99 -31.59 14.16
N VAL A 323 -4.64 -32.53 14.83
CA VAL A 323 -5.97 -32.29 15.38
C VAL A 323 -5.90 -31.30 16.53
N THR A 324 -4.86 -31.47 17.33
CA THR A 324 -4.77 -30.74 18.56
C THR A 324 -3.83 -29.55 18.43
N PHE A 325 -3.12 -29.47 17.31
CA PHE A 325 -2.23 -28.34 17.03
C PHE A 325 -2.92 -26.97 17.08
N PRO A 326 -4.15 -26.84 16.53
CA PRO A 326 -4.78 -25.51 16.62
C PRO A 326 -4.99 -25.00 18.06
N THR A 327 -5.11 -25.89 19.04
CA THR A 327 -5.20 -25.43 20.43
C THR A 327 -3.85 -24.90 20.92
N LEU A 328 -2.73 -25.42 20.38
CA LEU A 328 -1.40 -24.96 20.78
C LEU A 328 -1.18 -23.56 20.23
N SER A 329 -1.47 -23.44 18.94
CA SER A 329 -1.48 -22.17 18.24
C SER A 329 -2.33 -21.12 18.97
N GLN A 330 -3.57 -21.47 19.32
CA GLN A 330 -4.42 -20.51 20.04
C GLN A 330 -3.82 -20.16 21.42
N PHE A 331 -3.38 -21.17 22.18
CA PHE A 331 -2.78 -20.92 23.48
C PHE A 331 -1.65 -19.89 23.34
N LEU A 332 -0.68 -20.19 22.48
CA LEU A 332 0.51 -19.35 22.26
C LEU A 332 0.20 -17.98 21.66
N PHE A 333 -0.84 -17.89 20.83
CA PHE A 333 -1.39 -16.62 20.41
C PHE A 333 -1.94 -15.81 21.60
N GLU A 334 -2.76 -16.42 22.46
CA GLU A 334 -3.26 -15.70 23.65
C GLU A 334 -2.09 -15.23 24.51
N MET A 335 -1.11 -16.11 24.71
CA MET A 335 0.03 -15.83 25.55
C MET A 335 0.78 -14.56 25.15
N GLY A 336 0.71 -14.19 23.87
CA GLY A 336 1.40 -13.00 23.38
C GLY A 336 0.60 -11.71 23.37
N GLN A 337 -0.63 -11.74 23.89
CA GLN A 337 -1.50 -10.57 23.90
C GLN A 337 -1.39 -9.78 25.20
N GLY A 338 -0.32 -10.03 25.95
CA GLY A 338 -0.03 -9.30 27.16
C GLY A 338 0.94 -10.10 28.01
N PRO A 339 1.31 -9.61 29.20
CA PRO A 339 2.18 -10.41 30.08
C PRO A 339 1.52 -11.68 30.60
N ARG A 340 1.42 -12.70 29.74
CA ARG A 340 0.78 -13.94 30.11
C ARG A 340 1.73 -15.12 30.05
N GLY A 341 3.03 -14.83 30.12
CA GLY A 341 4.04 -15.87 30.25
C GLY A 341 4.19 -16.32 31.69
N GLY A 342 5.36 -16.87 32.04
CA GLY A 342 5.71 -17.21 33.41
C GLY A 342 4.72 -18.06 34.20
N LYS A 343 4.33 -17.58 35.37
CA LYS A 343 3.46 -18.38 36.23
C LYS A 343 2.01 -18.37 35.74
N LYS A 344 1.61 -17.32 35.02
CA LYS A 344 0.27 -17.29 34.42
C LYS A 344 0.14 -18.39 33.37
N MET A 345 1.21 -18.59 32.63
CA MET A 345 1.22 -19.61 31.59
C MET A 345 1.23 -21.03 32.18
N ILE A 346 2.11 -21.26 33.15
CA ILE A 346 2.21 -22.54 33.84
C ILE A 346 0.86 -22.92 34.41
N LYS A 347 0.24 -21.95 35.08
CA LYS A 347 -1.08 -22.15 35.67
C LYS A 347 -2.11 -22.49 34.60
N ALA A 348 -2.06 -21.80 33.46
CA ALA A 348 -3.02 -22.07 32.39
C ALA A 348 -2.78 -23.47 31.81
N LEU A 349 -1.52 -23.83 31.63
CA LEU A 349 -1.15 -25.15 31.12
C LEU A 349 -1.50 -26.27 32.11
N THR A 350 -1.35 -25.96 33.41
CA THR A 350 -1.79 -26.85 34.48
C THR A 350 -3.32 -27.01 34.52
N ASN A 351 -4.05 -26.02 34.04
CA ASN A 351 -5.49 -26.05 34.19
C ASN A 351 -6.20 -26.59 32.98
N THR A 352 -5.58 -26.50 31.82
CA THR A 352 -6.27 -26.89 30.60
C THR A 352 -6.66 -28.36 30.60
N PRO A 353 -7.86 -28.65 30.13
CA PRO A 353 -8.33 -30.04 30.07
C PRO A 353 -7.57 -30.85 29.01
N LEU A 354 -6.93 -30.15 28.08
CA LEU A 354 -6.13 -30.79 27.04
C LEU A 354 -4.89 -31.48 27.63
N LYS A 355 -4.64 -32.70 27.19
CA LYS A 355 -3.54 -33.50 27.72
C LYS A 355 -2.15 -32.87 27.56
N TRP A 356 -1.95 -32.13 26.48
CA TRP A 356 -0.60 -31.65 26.13
C TRP A 356 -0.14 -30.59 27.08
N GLY A 357 -1.11 -29.94 27.71
CA GLY A 357 -0.85 -28.92 28.70
C GLY A 357 0.14 -29.33 29.77
N LYS A 358 -0.19 -30.37 30.51
CA LYS A 358 0.69 -30.81 31.57
C LYS A 358 1.92 -31.54 31.02
N LYS A 359 1.79 -32.13 29.82
CA LYS A 359 2.92 -32.78 29.15
C LYS A 359 3.98 -31.76 28.74
N ILE A 360 3.55 -30.56 28.33
CA ILE A 360 4.48 -29.46 28.02
C ILE A 360 5.21 -29.02 29.28
N ILE A 361 4.45 -28.90 30.37
CA ILE A 361 4.99 -28.46 31.66
C ILE A 361 6.10 -29.36 32.15
N SER A 362 5.91 -30.67 31.97
CA SER A 362 6.89 -31.64 32.44
C SER A 362 8.18 -31.60 31.58
N LEU A 363 8.10 -30.97 30.42
CA LEU A 363 9.31 -30.74 29.64
C LEU A 363 10.17 -29.60 30.19
N PHE A 364 9.64 -28.82 31.14
CA PHE A 364 10.34 -27.61 31.60
C PHE A 364 11.54 -27.95 32.48
N ALA A 365 12.72 -27.52 32.06
CA ALA A 365 13.88 -27.71 32.90
C ALA A 365 13.70 -26.91 34.17
N GLU A 366 13.78 -27.60 35.30
CA GLU A 366 13.80 -26.96 36.62
C GLU A 366 14.86 -25.88 36.63
N ASP A 367 14.65 -24.83 37.41
CA ASP A 367 15.67 -23.78 37.51
C ASP A 367 16.86 -24.31 38.32
N ASP A 368 16.73 -25.56 38.77
CA ASP A 368 17.78 -26.33 39.45
C ASP A 368 18.92 -26.77 38.51
N PHE A 369 19.49 -25.83 37.74
CA PHE A 369 20.37 -26.19 36.64
C PHE A 369 21.87 -26.03 36.94
N ASN A 370 22.57 -27.18 36.94
CA ASN A 370 24.02 -27.27 37.13
C ASN A 370 24.83 -26.57 36.04
N GLY A 371 24.87 -25.23 36.07
CA GLY A 371 25.75 -24.49 35.17
C GLY A 371 25.08 -23.25 34.62
N ASN A 372 25.84 -22.42 33.92
CA ASN A 372 25.30 -21.22 33.29
C ASN A 372 24.16 -21.58 32.34
N LYS A 373 23.05 -20.85 32.48
CA LYS A 373 21.84 -21.13 31.72
C LYS A 373 22.08 -20.97 30.22
N LEU A 374 23.06 -20.15 29.84
CA LEU A 374 23.52 -20.02 28.45
C LEU A 374 23.77 -21.36 27.74
N TYR A 375 24.20 -22.34 28.52
CA TYR A 375 24.67 -23.58 27.95
C TYR A 375 23.64 -24.68 28.06
N MET A 376 22.43 -24.37 28.50
CA MET A 376 21.35 -25.34 28.39
C MET A 376 21.15 -25.77 26.93
N HIS A 377 21.13 -27.09 26.71
CA HIS A 377 21.03 -27.63 25.37
C HIS A 377 19.80 -27.05 24.66
N PRO A 378 19.95 -26.62 23.40
CA PRO A 378 18.88 -25.89 22.71
C PRO A 378 17.66 -26.77 22.34
N GLY A 379 17.65 -28.02 22.80
CA GLY A 379 16.51 -28.88 22.60
C GLY A 379 15.74 -29.12 23.87
N VAL A 380 16.19 -28.50 24.96
CA VAL A 380 15.47 -28.58 26.25
C VAL A 380 14.52 -27.39 26.45
N LEU A 381 13.29 -27.66 26.87
CA LEU A 381 12.28 -26.59 26.99
C LEU A 381 12.32 -25.98 28.37
N THR A 382 12.05 -24.67 28.45
CA THR A 382 11.84 -24.01 29.72
C THR A 382 10.61 -23.14 29.60
N ALA A 383 10.02 -22.77 30.73
CA ALA A 383 8.90 -21.83 30.74
C ALA A 383 9.22 -20.62 29.87
N GLY A 384 10.47 -20.15 29.93
CA GLY A 384 10.89 -18.96 29.22
C GLY A 384 11.12 -19.21 27.73
N ARG A 385 11.54 -20.43 27.41
CA ARG A 385 11.78 -20.77 26.04
C ARG A 385 10.46 -20.99 25.29
N MET A 386 9.33 -20.80 25.96
CA MET A 386 8.05 -20.89 25.29
C MET A 386 7.89 -19.72 24.32
N SER A 387 8.74 -18.72 24.45
CA SER A 387 8.70 -17.62 23.51
C SER A 387 9.14 -18.11 22.14
N GLU A 388 9.98 -19.15 22.11
CA GLU A 388 10.36 -19.78 20.85
C GLU A 388 9.13 -20.34 20.13
N MET A 389 8.32 -21.14 20.84
CA MET A 389 7.11 -21.70 20.24
C MET A 389 6.05 -20.64 19.92
N GLY A 390 6.03 -19.56 20.69
CA GLY A 390 5.22 -18.41 20.35
C GLY A 390 5.54 -17.74 19.02
N ALA A 391 6.81 -17.36 18.82
CA ALA A 391 7.23 -16.72 17.58
C ALA A 391 6.98 -17.59 16.34
N CYS A 392 6.88 -18.91 16.53
CA CYS A 392 6.60 -19.78 15.38
C CYS A 392 5.11 -20.10 15.28
N PHE A 393 4.51 -20.56 16.37
CA PHE A 393 3.14 -21.07 16.33
C PHE A 393 2.04 -20.08 16.74
N GLY A 394 2.41 -19.01 17.40
CA GLY A 394 1.41 -18.16 18.04
C GLY A 394 1.28 -16.78 17.46
N VAL A 395 1.52 -16.67 16.16
CA VAL A 395 1.43 -15.40 15.46
C VAL A 395 0.16 -15.38 14.62
N VAL A 396 -0.01 -16.42 13.82
CA VAL A 396 -1.22 -16.67 13.05
C VAL A 396 -1.97 -17.76 13.76
N PRO A 397 -3.13 -17.46 14.37
CA PRO A 397 -3.74 -18.61 15.04
C PRO A 397 -4.50 -19.46 14.01
N VAL A 398 -3.99 -20.64 13.71
CA VAL A 398 -4.48 -21.41 12.57
C VAL A 398 -5.98 -21.71 12.57
N SER A 399 -6.62 -21.74 13.73
CA SER A 399 -8.08 -21.87 13.76
C SER A 399 -8.81 -20.65 13.16
N ASN A 400 -8.24 -19.46 13.30
CA ASN A 400 -8.82 -18.26 12.67
C ASN A 400 -7.75 -17.30 12.22
N PRO A 401 -7.01 -17.67 11.16
CA PRO A 401 -5.87 -16.92 10.61
C PRO A 401 -6.04 -15.42 10.65
N GLU A 402 -7.25 -14.97 10.43
CA GLU A 402 -7.46 -13.55 10.16
C GLU A 402 -7.49 -12.77 11.45
N ASP A 403 -7.45 -13.48 12.58
CA ASP A 403 -7.30 -12.83 13.89
C ASP A 403 -5.88 -12.35 14.11
N ALA A 404 -4.93 -12.79 13.28
CA ALA A 404 -3.53 -12.35 13.43
C ALA A 404 -3.41 -10.84 13.45
N VAL A 405 -4.33 -10.14 12.80
CA VAL A 405 -4.26 -8.68 12.70
C VAL A 405 -4.35 -8.01 14.07
N LEU A 406 -4.76 -8.78 15.07
CA LEU A 406 -4.88 -8.27 16.43
C LEU A 406 -3.49 -8.08 17.02
N GLY A 407 -2.57 -8.97 16.62
CA GLY A 407 -1.21 -8.95 17.10
C GLY A 407 -0.94 -10.01 18.15
N SER A 408 0.33 -10.37 18.29
CA SER A 408 0.80 -11.26 19.36
C SER A 408 2.31 -11.09 19.48
N GLY A 409 2.80 -10.74 20.66
CA GLY A 409 4.20 -10.33 20.82
C GLY A 409 5.16 -11.43 21.27
N HIS A 410 6.05 -11.84 20.39
CA HIS A 410 7.11 -12.78 20.75
C HIS A 410 8.44 -12.15 20.37
N SER A 411 9.45 -12.32 21.22
CA SER A 411 10.65 -11.50 21.12
C SER A 411 11.45 -11.71 19.84
N LYS A 412 11.56 -12.94 19.36
CA LYS A 412 12.35 -13.20 18.16
C LYS A 412 11.69 -12.60 16.94
N SER A 413 10.46 -12.12 17.08
CA SER A 413 9.81 -11.43 15.97
C SER A 413 10.57 -10.17 15.63
N LEU A 414 11.22 -9.59 16.61
CA LEU A 414 11.98 -8.38 16.39
C LEU A 414 13.07 -8.47 15.25
N LEU A 415 13.59 -9.66 14.98
CA LEU A 415 14.59 -9.83 13.91
C LEU A 415 14.00 -9.50 12.52
N ASN A 416 12.67 -9.51 12.43
CA ASN A 416 11.98 -9.21 11.19
C ASN A 416 11.96 -7.71 10.90
N TYR A 417 12.23 -6.88 11.89
CA TYR A 417 12.50 -5.46 11.64
C TYR A 417 13.66 -5.28 10.66
N LYS A 418 13.46 -4.36 9.72
CA LYS A 418 14.50 -3.98 8.76
C LYS A 418 15.80 -3.47 9.40
N ILE A 419 16.92 -3.95 8.88
CA ILE A 419 18.23 -3.39 9.19
C ILE A 419 18.47 -2.09 8.40
N ASP A 420 17.99 -2.07 7.14
CA ASP A 420 18.15 -0.97 6.17
C ASP A 420 18.32 0.41 6.80
N THR A 421 19.44 1.06 6.46
CA THR A 421 19.69 2.43 6.89
C THR A 421 18.61 3.33 6.27
N ASN A 422 18.06 2.86 5.14
CA ASN A 422 16.82 3.35 4.53
C ASN A 422 15.69 3.64 5.53
N ALA A 423 15.21 2.59 6.21
CA ALA A 423 14.16 2.72 7.21
C ALA A 423 14.69 3.32 8.50
N GLY A 424 16.01 3.51 8.54
CA GLY A 424 16.67 4.06 9.71
C GLY A 424 16.93 3.02 10.78
N ASN A 425 17.39 1.84 10.35
CA ASN A 425 17.55 0.63 11.17
C ASN A 425 16.63 0.52 12.40
N PRO A 426 15.32 0.33 12.16
CA PRO A 426 14.34 0.13 13.24
C PRO A 426 14.67 -1.04 14.15
N CYS A 427 15.20 -2.12 13.59
CA CYS A 427 15.63 -3.25 14.41
C CYS A 427 16.56 -2.81 15.55
N ALA A 428 17.53 -1.97 15.22
CA ALA A 428 18.51 -1.55 16.22
C ALA A 428 17.92 -0.51 17.16
N LYS A 429 17.02 0.32 16.64
CA LYS A 429 16.29 1.26 17.49
C LYS A 429 15.54 0.51 18.59
N GLU A 430 14.78 -0.53 18.21
CA GLU A 430 13.97 -1.26 19.17
C GLU A 430 14.85 -1.98 20.16
N ILE A 431 15.94 -2.57 19.69
CA ILE A 431 16.85 -3.24 20.61
C ILE A 431 17.38 -2.26 21.66
N VAL A 432 17.77 -1.07 21.26
CA VAL A 432 18.28 -0.07 22.21
C VAL A 432 17.21 0.32 23.22
N GLN A 433 16.01 0.62 22.71
CA GLN A 433 14.89 0.99 23.58
C GLN A 433 14.67 -0.06 24.65
N LEU A 434 14.63 -1.32 24.23
CA LEU A 434 14.47 -2.43 25.16
C LEU A 434 15.64 -2.47 26.12
N PHE A 435 16.85 -2.26 25.60
CA PHE A 435 18.07 -2.18 26.41
C PHE A 435 17.94 -1.12 27.52
N ARG A 436 17.62 0.11 27.13
CA ARG A 436 17.34 1.19 28.10
C ARG A 436 16.37 0.75 29.19
N ILE A 437 15.25 0.16 28.81
CA ILE A 437 14.24 -0.30 29.79
C ILE A 437 14.80 -1.35 30.75
N GLN A 438 15.71 -2.19 30.27
CA GLN A 438 16.33 -3.23 31.09
C GLN A 438 17.34 -2.64 32.08
N LYS A 439 18.12 -1.68 31.61
CA LYS A 439 19.01 -0.89 32.47
C LYS A 439 18.28 -0.26 33.65
N ALA A 440 17.18 0.43 33.35
CA ALA A 440 16.40 1.19 34.33
C ALA A 440 15.91 0.34 35.51
N GLY A 441 15.58 -0.91 35.25
CA GLY A 441 15.01 -1.73 36.31
C GLY A 441 15.99 -2.66 36.97
N PHE A 442 17.11 -2.94 36.29
CA PHE A 442 18.04 -3.96 36.78
C PHE A 442 19.53 -3.59 36.79
N ASP A 443 20.26 -4.26 37.67
CA ASP A 443 21.71 -4.41 37.57
C ASP A 443 21.94 -5.63 36.71
N LEU A 444 22.49 -5.40 35.53
CA LEU A 444 22.54 -6.42 34.49
C LEU A 444 23.69 -7.41 34.72
N ASP A 445 24.72 -6.95 35.44
CA ASP A 445 25.86 -7.77 35.76
C ASP A 445 25.45 -9.03 36.50
N SER A 446 24.28 -8.99 37.13
CA SER A 446 23.82 -10.13 37.92
C SER A 446 23.12 -11.21 37.08
N MET A 447 22.78 -10.88 35.84
CA MET A 447 22.06 -11.82 35.00
C MET A 447 22.99 -12.50 34.02
N ASP A 448 22.84 -13.81 33.88
CA ASP A 448 23.62 -14.59 32.91
C ASP A 448 23.24 -14.26 31.47
N ILE A 449 22.06 -13.68 31.30
CA ILE A 449 21.57 -13.33 29.98
C ILE A 449 20.90 -11.96 30.02
N VAL A 450 21.33 -11.06 29.14
CA VAL A 450 20.59 -9.84 28.85
C VAL A 450 19.88 -10.02 27.50
N ALA A 451 18.55 -10.02 27.54
CA ALA A 451 17.73 -10.31 26.37
C ALA A 451 18.05 -9.44 25.16
N SER A 452 18.21 -8.13 25.39
CA SER A 452 18.49 -7.20 24.30
C SER A 452 19.86 -7.41 23.70
N GLU A 453 20.79 -7.93 24.50
CA GLU A 453 22.13 -8.18 24.02
C GLU A 453 22.13 -9.41 23.12
N HIS A 454 21.38 -10.44 23.54
CA HIS A 454 21.19 -11.63 22.72
C HIS A 454 20.49 -11.35 21.40
N LEU A 455 19.59 -10.38 21.39
CA LEU A 455 18.88 -10.05 20.16
C LEU A 455 19.79 -9.35 19.18
N LEU A 456 20.51 -8.34 19.68
CA LEU A 456 21.49 -7.59 18.91
C LEU A 456 22.60 -8.48 18.36
N HIS A 457 23.04 -9.42 19.18
CA HIS A 457 23.99 -10.41 18.71
C HIS A 457 23.43 -11.13 17.47
N GLN A 458 22.14 -11.46 17.49
CA GLN A 458 21.59 -12.20 16.35
C GLN A 458 21.44 -11.31 15.13
N SER A 459 21.16 -10.04 15.35
CA SER A 459 21.17 -9.10 14.25
C SER A 459 22.59 -9.02 13.63
N LEU A 460 23.62 -8.88 14.47
CA LEU A 460 25.03 -8.87 14.05
C LEU A 460 25.43 -10.06 13.18
N VAL A 461 25.02 -11.25 13.61
CA VAL A 461 25.34 -12.48 12.90
C VAL A 461 24.60 -12.54 11.53
N GLY A 462 23.69 -11.61 11.30
CA GLY A 462 22.93 -11.59 10.06
C GLY A 462 21.54 -12.23 9.98
N LYS A 463 20.91 -12.57 11.12
CA LYS A 463 19.51 -13.07 11.09
C LYS A 463 18.56 -11.93 10.84
N ARG A 464 17.89 -11.99 9.70
CA ARG A 464 16.94 -10.99 9.26
C ARG A 464 15.54 -11.54 9.50
N CYS A 465 15.48 -12.75 10.05
CA CYS A 465 14.25 -13.43 10.37
C CYS A 465 14.56 -14.67 11.18
N HIS A 466 13.78 -14.92 12.23
CA HIS A 466 14.05 -16.01 13.18
C HIS A 466 13.81 -17.41 12.60
N PHE A 467 13.25 -17.52 11.41
CA PHE A 467 13.08 -18.83 10.78
C PHE A 467 14.35 -19.25 10.02
N GLN A 468 15.34 -18.37 10.06
CA GLN A 468 16.68 -18.64 9.56
C GLN A 468 17.52 -19.41 10.57
N ASN A 469 18.13 -20.49 10.10
CA ASN A 469 19.11 -21.21 10.88
C ASN A 469 20.46 -20.55 10.61
N ALA A 470 21.10 -20.02 11.66
CA ALA A 470 22.35 -19.27 11.52
C ALA A 470 23.56 -19.98 12.14
N TYR A 471 23.46 -21.28 12.39
CA TYR A 471 24.54 -21.99 13.07
C TYR A 471 25.83 -22.03 12.27
N LYS A 472 25.72 -22.26 10.97
CA LYS A 472 26.87 -22.30 10.07
C LYS A 472 27.38 -20.90 9.69
N VAL A 473 27.02 -19.87 10.45
CA VAL A 473 27.60 -18.57 10.18
C VAL A 473 28.96 -18.46 10.90
N LYS A 474 30.01 -18.21 10.14
CA LYS A 474 31.34 -18.14 10.73
C LYS A 474 31.66 -16.69 11.11
N GLY A 475 32.31 -16.52 12.25
CA GLY A 475 32.75 -15.21 12.67
C GLY A 475 32.68 -14.96 14.16
N ASN A 476 32.89 -13.72 14.54
CA ASN A 476 32.71 -13.30 15.91
C ASN A 476 31.84 -12.08 15.85
N ALA A 477 30.65 -12.18 16.42
CA ALA A 477 29.68 -11.10 16.32
C ALA A 477 30.09 -9.96 17.24
N THR A 478 30.70 -10.28 18.38
CA THR A 478 31.10 -9.25 19.37
C THR A 478 32.24 -8.40 18.85
N ASN A 479 32.94 -8.88 17.83
CA ASN A 479 34.03 -8.11 17.26
C ASN A 479 33.65 -7.49 15.92
N VAL A 480 32.62 -6.65 15.90
CA VAL A 480 32.34 -5.95 14.66
C VAL A 480 32.31 -4.45 14.89
N GLU A 481 32.30 -3.72 13.78
CA GLU A 481 32.47 -2.29 13.77
C GLU A 481 31.13 -1.58 13.65
N ILE A 482 30.78 -0.78 14.67
CA ILE A 482 29.54 -0.01 14.63
C ILE A 482 29.71 1.32 13.91
N VAL A 483 29.27 1.38 12.65
CA VAL A 483 29.45 2.59 11.87
C VAL A 483 28.55 3.72 12.37
N MET B 1 -14.61 -10.50 -21.11
CA MET B 1 -15.11 -11.18 -19.91
C MET B 1 -16.25 -10.38 -19.30
N GLU B 2 -17.30 -11.08 -18.85
CA GLU B 2 -18.59 -10.46 -18.52
C GLU B 2 -18.55 -9.34 -17.47
N ASN B 3 -19.44 -8.36 -17.65
CA ASN B 3 -19.63 -7.23 -16.73
C ASN B 3 -20.04 -7.70 -15.34
N GLN B 4 -19.15 -7.55 -14.37
CA GLN B 4 -19.39 -8.12 -13.04
C GLN B 4 -20.27 -7.25 -12.16
N ILE B 5 -20.61 -6.06 -12.65
CA ILE B 5 -21.39 -5.11 -11.86
C ILE B 5 -22.86 -5.30 -12.17
N LYS B 6 -23.45 -6.31 -11.53
CA LYS B 6 -24.74 -6.81 -11.92
C LYS B 6 -25.85 -6.14 -11.11
N ALA B 7 -26.60 -5.26 -11.78
CA ALA B 7 -27.74 -4.57 -11.18
C ALA B 7 -28.64 -3.92 -12.23
N ASN B 8 -29.94 -3.88 -11.92
CA ASN B 8 -30.95 -3.25 -12.78
C ASN B 8 -31.50 -1.97 -12.13
N THR B 9 -31.93 -2.08 -10.88
CA THR B 9 -32.40 -0.93 -10.11
C THR B 9 -31.29 -0.38 -9.22
N LYS B 10 -31.46 0.85 -8.76
CA LYS B 10 -30.55 1.42 -7.77
C LYS B 10 -30.55 0.59 -6.50
N LYS B 11 -31.72 0.06 -6.13
CA LYS B 11 -31.81 -0.77 -4.93
C LYS B 11 -30.86 -1.97 -5.05
N GLU B 12 -30.88 -2.63 -6.20
CA GLU B 12 -29.96 -3.73 -6.50
C GLU B 12 -28.49 -3.33 -6.37
N TYR B 13 -28.10 -2.29 -7.11
CA TYR B 13 -26.73 -1.75 -7.07
C TYR B 13 -26.29 -1.36 -5.66
N ASP B 14 -27.19 -0.74 -4.91
CA ASP B 14 -26.95 -0.38 -3.52
C ASP B 14 -26.45 -1.55 -2.68
N GLU B 15 -26.83 -2.77 -3.08
CA GLU B 15 -26.50 -3.98 -2.32
C GLU B 15 -25.24 -4.65 -2.88
N TRP B 16 -24.93 -4.40 -4.15
CA TRP B 16 -23.64 -4.79 -4.72
C TRP B 16 -22.53 -3.95 -4.12
N PHE B 17 -22.82 -2.67 -3.96
CA PHE B 17 -21.86 -1.69 -3.50
C PHE B 17 -21.44 -1.88 -2.06
N LYS B 18 -22.34 -2.40 -1.23
CA LYS B 18 -22.09 -2.50 0.21
C LYS B 18 -20.85 -3.37 0.53
N PRO B 19 -20.78 -4.61 0.01
CA PRO B 19 -19.55 -5.33 0.31
C PRO B 19 -18.35 -4.74 -0.42
N TYR B 20 -18.54 -4.32 -1.68
CA TYR B 20 -17.46 -3.78 -2.49
C TYR B 20 -16.73 -2.62 -1.83
N ALA B 21 -17.49 -1.68 -1.27
CA ALA B 21 -16.88 -0.55 -0.59
C ALA B 21 -16.14 -1.02 0.66
N GLU B 22 -16.73 -1.98 1.36
CA GLU B 22 -16.08 -2.56 2.53
C GLU B 22 -14.76 -3.23 2.17
N LYS B 23 -14.69 -3.81 0.98
CA LYS B 23 -13.54 -4.57 0.55
C LYS B 23 -12.58 -3.75 -0.30
N THR B 24 -12.85 -2.45 -0.45
CA THR B 24 -11.92 -1.57 -1.16
C THR B 24 -11.53 -0.38 -0.27
N HIS B 25 -12.00 -0.45 0.98
CA HIS B 25 -11.55 0.40 2.08
C HIS B 25 -11.46 1.89 1.58
N LEU B 26 -12.60 2.46 1.13
CA LEU B 26 -12.71 3.80 0.45
C LEU B 26 -12.65 5.09 1.32
N LYS B 27 -12.28 6.23 0.72
CA LYS B 27 -11.90 7.43 1.49
C LYS B 27 -12.62 8.75 1.18
N SER B 28 -13.21 9.35 2.20
CA SER B 28 -13.98 10.60 2.05
C SER B 28 -13.19 11.88 2.31
N VAL B 29 -11.99 11.73 2.86
CA VAL B 29 -11.20 12.85 3.38
C VAL B 29 -10.88 13.97 2.38
N LEU B 30 -10.59 13.62 1.13
CA LEU B 30 -10.15 14.62 0.15
C LEU B 30 -11.08 14.85 -1.06
N THR B 31 -11.95 13.90 -1.33
CA THR B 31 -12.79 13.95 -2.53
C THR B 31 -14.26 13.95 -2.12
N ASN B 32 -15.13 14.39 -3.02
CA ASN B 32 -16.57 14.51 -2.70
C ASN B 32 -17.32 13.20 -2.43
N SER B 33 -17.36 12.31 -3.41
CA SER B 33 -17.76 10.93 -3.12
C SER B 33 -16.48 10.16 -2.81
N ALA B 34 -16.53 9.18 -1.92
CA ALA B 34 -15.33 8.46 -1.51
C ALA B 34 -14.54 7.91 -2.71
N SER B 35 -13.22 8.14 -2.69
CA SER B 35 -12.36 7.68 -3.76
C SER B 35 -11.23 6.84 -3.19
N PHE B 36 -10.14 6.74 -3.96
CA PHE B 36 -8.93 6.11 -3.46
C PHE B 36 -7.90 7.14 -3.04
N CYS B 37 -8.29 8.41 -2.93
CA CYS B 37 -7.32 9.44 -2.57
C CYS B 37 -7.08 9.49 -1.06
N ASP B 38 -5.86 9.15 -0.65
CA ASP B 38 -5.46 9.38 0.74
C ASP B 38 -4.52 10.59 0.83
N ALA B 39 -3.84 10.93 -0.28
CA ALA B 39 -3.02 12.12 -0.31
C ALA B 39 -3.19 12.94 -1.58
N LEU B 40 -2.97 14.24 -1.46
CA LEU B 40 -3.04 15.15 -2.59
C LEU B 40 -1.79 15.05 -3.46
N PRO B 41 -1.95 14.63 -4.73
CA PRO B 41 -0.84 14.52 -5.67
C PRO B 41 0.02 15.78 -5.77
N ASP B 42 1.34 15.63 -5.80
CA ASP B 42 2.26 16.73 -6.06
C ASP B 42 2.87 16.56 -7.45
N LEU B 43 2.83 17.61 -8.27
CA LEU B 43 3.18 17.46 -9.68
C LEU B 43 4.53 18.11 -10.07
N SER B 44 5.29 18.58 -9.07
CA SER B 44 6.57 19.29 -9.30
C SER B 44 7.41 18.64 -10.37
N ILE B 45 7.54 17.31 -10.23
CA ILE B 45 8.35 16.47 -11.08
C ILE B 45 8.05 16.71 -12.54
N PHE B 46 6.76 16.84 -12.87
CA PHE B 46 6.36 17.05 -14.27
C PHE B 46 6.57 18.52 -14.67
N GLU B 47 6.40 19.42 -13.71
CA GLU B 47 6.66 20.83 -13.96
C GLU B 47 8.12 21.04 -14.34
N VAL B 48 9.02 20.43 -13.57
CA VAL B 48 10.46 20.52 -13.85
C VAL B 48 10.77 19.92 -15.24
N LYS B 49 10.32 18.69 -15.47
CA LYS B 49 10.48 18.04 -16.77
C LYS B 49 9.97 18.93 -17.90
N MET B 50 8.74 19.42 -17.72
CA MET B 50 8.11 20.33 -18.68
C MET B 50 9.01 21.51 -19.05
N GLY B 51 9.60 22.16 -18.03
CA GLY B 51 10.54 23.25 -18.26
C GLY B 51 11.73 22.80 -19.11
N LEU B 52 12.31 21.66 -18.77
CA LEU B 52 13.42 21.10 -19.52
C LEU B 52 13.00 20.59 -20.91
N ALA B 53 11.71 20.31 -21.11
CA ALA B 53 11.25 19.67 -22.35
C ALA B 53 11.60 20.46 -23.61
N THR B 54 11.96 19.73 -24.66
CA THR B 54 12.45 20.32 -25.90
C THR B 54 11.32 20.63 -26.89
N ASP B 55 10.68 19.57 -27.37
CA ASP B 55 9.64 19.66 -28.39
C ASP B 55 8.26 19.42 -27.80
N ASP B 56 7.23 19.54 -28.63
CA ASP B 56 5.85 19.46 -28.15
C ASP B 56 5.38 18.02 -27.97
N ARG B 57 6.04 17.07 -28.62
CA ARG B 57 5.73 15.66 -28.43
C ARG B 57 5.96 15.28 -26.98
N GLU B 58 7.13 15.66 -26.45
CA GLU B 58 7.49 15.37 -25.07
C GLU B 58 6.73 16.21 -24.06
N LYS B 59 6.44 17.46 -24.40
CA LYS B 59 5.59 18.29 -23.54
C LYS B 59 4.23 17.65 -23.47
N ASP B 60 3.80 17.06 -24.59
CA ASP B 60 2.51 16.39 -24.66
C ASP B 60 2.45 15.20 -23.71
N SER B 61 3.43 14.30 -23.81
CA SER B 61 3.53 13.15 -22.91
C SER B 61 3.53 13.53 -21.45
N ILE B 62 4.36 14.53 -21.10
CA ILE B 62 4.58 14.93 -19.71
C ILE B 62 3.29 15.44 -19.09
N TYR B 63 2.61 16.27 -19.84
CA TYR B 63 1.37 16.83 -19.35
C TYR B 63 0.38 15.69 -19.10
N ALA B 64 0.26 14.81 -20.08
CA ALA B 64 -0.59 13.61 -19.95
C ALA B 64 -0.28 12.84 -18.67
N CYS B 65 1.01 12.71 -18.34
CA CYS B 65 1.42 12.00 -17.13
C CYS B 65 0.99 12.74 -15.87
N ALA B 66 1.17 14.06 -15.88
CA ALA B 66 0.79 14.89 -14.74
C ALA B 66 -0.70 14.76 -14.44
N MET B 67 -1.51 14.79 -15.49
CA MET B 67 -2.95 14.68 -15.33
C MET B 67 -3.28 13.31 -14.76
N VAL B 68 -2.63 12.27 -15.26
CA VAL B 68 -2.88 10.93 -14.74
C VAL B 68 -2.59 10.89 -13.24
N GLU B 69 -1.46 11.45 -12.79
CA GLU B 69 -1.11 11.44 -11.35
C GLU B 69 -2.08 12.24 -10.49
N ALA B 70 -2.55 13.37 -11.04
CA ALA B 70 -3.49 14.25 -10.36
C ALA B 70 -4.86 13.59 -10.13
N THR B 71 -5.25 12.73 -11.07
CA THR B 71 -6.58 12.11 -11.06
C THR B 71 -6.66 10.58 -10.76
N LYS B 72 -5.52 9.89 -10.95
CA LYS B 72 -5.38 8.45 -10.74
C LYS B 72 -6.27 7.84 -9.68
N PHE B 73 -6.24 8.39 -8.46
CA PHE B 73 -7.00 7.83 -7.33
C PHE B 73 -8.12 8.73 -6.78
N CYS B 74 -8.53 9.75 -7.53
CA CYS B 74 -9.52 10.68 -6.98
C CYS B 74 -10.94 10.51 -7.54
N ALA B 75 -11.06 9.77 -8.64
CA ALA B 75 -12.35 9.53 -9.31
C ALA B 75 -13.49 9.10 -8.36
N PRO B 76 -14.75 9.48 -8.69
CA PRO B 76 -15.90 9.11 -7.87
C PRO B 76 -16.34 7.67 -8.13
N ILE B 77 -16.16 6.83 -7.12
CA ILE B 77 -16.25 5.38 -7.33
C ILE B 77 -17.71 4.91 -7.33
N TYR B 78 -18.47 5.31 -6.31
CA TYR B 78 -19.89 5.00 -6.28
C TYR B 78 -20.57 5.41 -7.58
N GLU B 79 -20.21 6.57 -8.10
CA GLU B 79 -20.89 7.10 -9.25
C GLU B 79 -20.42 6.37 -10.50
N CYS B 80 -19.12 6.09 -10.57
CA CYS B 80 -18.57 5.46 -11.77
C CYS B 80 -19.15 4.05 -11.95
N GLY B 81 -19.38 3.38 -10.83
CA GLY B 81 -19.93 2.05 -10.83
C GLY B 81 -21.33 2.08 -11.39
N TRP B 82 -22.15 2.99 -10.86
CA TRP B 82 -23.52 3.17 -11.33
C TRP B 82 -23.59 3.32 -12.84
N ALA B 83 -22.89 4.33 -13.37
CA ALA B 83 -22.85 4.59 -14.81
C ALA B 83 -22.41 3.38 -15.64
N CYS B 84 -21.90 2.35 -14.96
CA CYS B 84 -21.27 1.22 -15.63
C CYS B 84 -21.95 -0.12 -15.34
N CYS B 85 -22.93 -0.14 -14.43
CA CYS B 85 -23.60 -1.38 -14.08
C CYS B 85 -24.44 -1.91 -15.24
N THR B 86 -24.77 -3.21 -15.19
CA THR B 86 -25.30 -3.93 -16.35
C THR B 86 -26.61 -3.34 -16.90
N GLY B 87 -27.54 -3.01 -16.00
CA GLY B 87 -28.80 -2.41 -16.39
C GLY B 87 -28.58 -1.09 -17.12
N MET B 88 -27.62 -0.32 -16.63
CA MET B 88 -27.34 1.02 -17.18
C MET B 88 -26.54 0.96 -18.48
N VAL B 89 -25.78 -0.11 -18.67
CA VAL B 89 -25.05 -0.30 -19.92
C VAL B 89 -26.05 -0.76 -20.96
N GLU B 90 -26.99 -1.57 -20.52
CA GLU B 90 -28.07 -2.04 -21.39
C GLU B 90 -29.00 -0.89 -21.75
N ASN B 91 -29.53 -0.22 -20.73
CA ASN B 91 -30.49 0.84 -20.96
C ASN B 91 -29.91 2.06 -21.65
N GLY B 92 -28.70 2.44 -21.23
CA GLY B 92 -28.06 3.60 -21.79
C GLY B 92 -27.71 3.43 -23.26
N LEU B 93 -27.44 2.20 -23.67
CA LEU B 93 -27.06 1.97 -25.05
C LEU B 93 -28.25 1.88 -26.02
N LYS B 94 -29.30 1.18 -25.60
CA LYS B 94 -30.35 0.85 -26.55
C LYS B 94 -31.38 1.98 -26.60
N TRP B 95 -31.48 2.75 -25.52
CA TRP B 95 -32.24 4.01 -25.50
C TRP B 95 -32.07 4.76 -26.81
N PHE B 96 -30.87 4.75 -27.37
CA PHE B 96 -30.61 5.53 -28.55
C PHE B 96 -31.40 4.99 -29.73
N ASP B 97 -31.49 3.68 -29.82
CA ASP B 97 -32.33 3.08 -30.84
C ASP B 97 -33.83 3.42 -30.62
N LYS B 98 -34.25 3.51 -29.36
CA LYS B 98 -35.64 3.84 -28.99
C LYS B 98 -35.96 5.34 -29.01
N ASN B 99 -35.05 6.15 -29.56
CA ASN B 99 -35.13 7.61 -29.42
C ASN B 99 -34.46 8.31 -30.59
N LYS B 100 -34.58 7.70 -31.76
CA LYS B 100 -33.98 8.26 -32.97
C LYS B 100 -34.45 9.68 -33.26
N ASP B 101 -35.67 9.99 -32.82
CA ASP B 101 -36.31 11.28 -33.08
C ASP B 101 -35.82 12.43 -32.22
N VAL B 102 -35.46 12.13 -30.97
CA VAL B 102 -34.97 13.14 -30.07
C VAL B 102 -33.60 13.64 -30.50
N ILE B 103 -32.78 12.70 -30.97
CA ILE B 103 -31.38 12.95 -31.31
C ILE B 103 -31.13 13.28 -32.79
N LYS B 104 -32.13 13.06 -33.65
CA LYS B 104 -31.97 13.15 -35.11
C LYS B 104 -31.29 14.43 -35.60
N LEU B 105 -31.43 15.52 -34.84
CA LEU B 105 -30.95 16.83 -35.28
C LEU B 105 -29.44 16.90 -35.49
N TRP B 106 -28.63 16.50 -34.50
CA TRP B 106 -27.18 16.51 -34.67
C TRP B 106 -26.63 15.16 -35.20
N ASP B 107 -27.13 14.04 -34.68
CA ASP B 107 -26.82 12.70 -35.20
C ASP B 107 -26.90 12.61 -36.72
N GLY B 108 -27.97 13.17 -37.29
CA GLY B 108 -28.17 13.17 -38.74
C GLY B 108 -27.14 14.03 -39.43
N LYS B 109 -26.68 15.06 -38.74
CA LYS B 109 -25.72 16.01 -39.28
C LYS B 109 -24.33 15.74 -38.69
N TYR B 110 -23.98 14.46 -38.50
CA TYR B 110 -22.75 14.11 -37.76
C TYR B 110 -21.49 14.35 -38.57
N SER B 111 -21.46 13.84 -39.79
CA SER B 111 -20.31 14.05 -40.66
C SER B 111 -20.05 15.54 -40.86
N ASP B 112 -21.10 16.34 -40.66
CA ASP B 112 -21.01 17.78 -40.81
C ASP B 112 -20.37 18.38 -39.57
N LEU B 113 -20.92 18.05 -38.41
CA LEU B 113 -20.41 18.56 -37.13
C LEU B 113 -18.96 18.16 -36.86
N MET B 114 -18.46 17.23 -37.66
CA MET B 114 -17.07 16.77 -37.58
C MET B 114 -16.12 17.72 -38.30
N LYS B 115 -16.69 18.53 -39.16
CA LYS B 115 -15.91 19.53 -39.87
C LYS B 115 -16.46 20.92 -39.61
N ASN B 116 -17.65 21.00 -39.02
CA ASN B 116 -18.33 22.29 -38.86
C ASN B 116 -18.93 22.54 -37.48
N VAL B 117 -19.10 23.82 -37.17
CA VAL B 117 -19.68 24.28 -35.92
C VAL B 117 -21.19 24.01 -35.87
N PRO B 118 -21.70 23.57 -34.69
CA PRO B 118 -23.13 23.33 -34.52
C PRO B 118 -23.97 24.59 -34.69
N GLU B 119 -25.19 24.42 -35.20
CA GLU B 119 -26.21 25.46 -35.12
C GLU B 119 -26.75 25.48 -33.70
N PRO B 120 -27.37 26.59 -33.30
CA PRO B 120 -27.79 26.75 -31.90
C PRO B 120 -28.89 25.79 -31.49
N GLU B 121 -29.69 25.34 -32.45
CA GLU B 121 -30.77 24.40 -32.15
C GLU B 121 -30.23 22.98 -32.00
N GLN B 122 -29.22 22.65 -32.82
CA GLN B 122 -28.48 21.40 -32.68
C GLN B 122 -27.96 21.28 -31.24
N LEU B 123 -27.45 22.39 -30.70
CA LEU B 123 -27.01 22.44 -29.31
C LEU B 123 -28.14 22.18 -28.31
N VAL B 124 -29.26 22.90 -28.46
CA VAL B 124 -30.37 22.76 -27.52
C VAL B 124 -31.02 21.38 -27.71
N ALA B 125 -31.01 20.89 -28.94
CA ALA B 125 -31.55 19.54 -29.22
C ALA B 125 -30.71 18.47 -28.51
N TYR B 126 -29.40 18.74 -28.43
CA TYR B 126 -28.46 17.85 -27.76
C TYR B 126 -28.70 17.86 -26.26
N GLN B 127 -29.02 19.03 -25.72
CA GLN B 127 -29.09 19.18 -24.26
C GLN B 127 -30.31 18.49 -23.68
N ARG B 128 -31.45 18.68 -24.32
CA ARG B 128 -32.67 18.09 -23.81
C ARG B 128 -32.67 16.60 -24.09
N ALA B 129 -32.04 16.20 -25.20
CA ALA B 129 -31.83 14.78 -25.47
C ALA B 129 -31.13 14.17 -24.27
N ALA B 130 -30.05 14.83 -23.84
CA ALA B 130 -29.33 14.41 -22.65
C ALA B 130 -30.24 14.36 -21.43
N GLN B 131 -31.17 15.31 -21.33
CA GLN B 131 -32.06 15.37 -20.17
C GLN B 131 -32.99 14.18 -20.20
N LYS B 132 -33.40 13.84 -21.42
CA LYS B 132 -34.36 12.76 -21.66
C LYS B 132 -33.73 11.39 -21.38
N TRP B 133 -32.54 11.18 -21.96
CA TRP B 133 -31.69 10.04 -21.65
C TRP B 133 -31.52 9.90 -20.16
N ARG B 134 -31.20 11.01 -19.51
CA ARG B 134 -31.00 11.00 -18.07
C ARG B 134 -32.29 10.60 -17.39
N GLN B 135 -33.40 11.11 -17.92
CA GLN B 135 -34.73 10.93 -17.34
C GLN B 135 -35.19 9.48 -17.44
N ASP B 136 -35.20 8.98 -18.68
CA ASP B 136 -35.60 7.62 -18.98
C ASP B 136 -34.78 6.58 -18.24
N ASN B 137 -33.46 6.65 -18.39
CA ASN B 137 -32.61 5.64 -17.79
C ASN B 137 -32.50 5.78 -16.27
N LYS B 138 -33.27 6.70 -15.69
CA LYS B 138 -33.34 6.85 -14.24
C LYS B 138 -31.97 7.05 -13.60
N PHE B 139 -31.15 7.87 -14.27
CA PHE B 139 -29.75 8.04 -13.92
C PHE B 139 -29.52 8.81 -12.61
N GLU B 140 -30.22 9.92 -12.42
CA GLU B 140 -29.98 10.72 -11.24
C GLU B 140 -30.43 9.99 -9.97
N ILE B 141 -29.47 9.51 -9.18
CA ILE B 141 -29.78 8.83 -7.91
C ILE B 141 -29.23 9.55 -6.68
N ASN B 142 -28.37 10.55 -6.88
CA ASN B 142 -27.79 11.29 -5.76
C ASN B 142 -27.20 12.64 -6.15
N GLN B 143 -26.58 13.32 -5.18
CA GLN B 143 -26.10 14.70 -5.37
C GLN B 143 -25.11 14.85 -6.51
N TYR B 144 -24.35 13.79 -6.80
CA TYR B 144 -23.27 13.91 -7.78
C TYR B 144 -23.70 13.38 -9.16
N THR B 145 -24.99 13.04 -9.27
CA THR B 145 -25.56 12.70 -10.58
C THR B 145 -26.79 13.54 -10.89
N ARG B 146 -26.95 14.67 -10.20
CA ARG B 146 -28.02 15.65 -10.45
C ARG B 146 -27.83 16.47 -11.72
N SER B 147 -28.95 16.80 -12.36
CA SER B 147 -28.98 17.97 -13.21
C SER B 147 -29.02 19.15 -12.25
N LEU B 148 -28.10 20.09 -12.40
CA LEU B 148 -28.00 21.20 -11.46
C LEU B 148 -28.94 22.35 -11.83
N THR B 149 -29.62 22.91 -10.82
CA THR B 149 -30.57 24.02 -11.02
C THR B 149 -30.13 25.31 -10.34
N HIS B 150 -29.19 25.21 -9.40
CA HIS B 150 -28.69 26.38 -8.68
C HIS B 150 -28.11 27.45 -9.62
N SER B 151 -27.74 28.60 -9.09
CA SER B 151 -27.04 29.58 -9.91
C SER B 151 -25.65 29.90 -9.35
N VAL B 152 -24.74 30.25 -10.25
CA VAL B 152 -23.34 30.51 -9.95
C VAL B 152 -23.14 31.38 -8.72
N GLN B 153 -22.35 30.92 -7.76
CA GLN B 153 -22.01 31.77 -6.62
C GLN B 153 -21.02 32.84 -7.06
N ALA B 154 -20.89 33.91 -6.27
CA ALA B 154 -19.87 34.94 -6.49
C ALA B 154 -18.82 34.81 -5.41
N ASP B 155 -18.51 33.57 -5.09
CA ASP B 155 -17.52 33.21 -4.07
C ASP B 155 -16.41 32.35 -4.66
N TYR B 156 -16.20 31.19 -4.02
CA TYR B 156 -15.07 30.26 -4.24
C TYR B 156 -13.86 30.64 -3.36
N LYS B 157 -13.85 30.07 -2.15
CA LYS B 157 -12.75 30.24 -1.22
C LYS B 157 -11.55 29.43 -1.66
N VAL B 158 -10.46 30.13 -1.92
CA VAL B 158 -9.18 29.52 -2.23
C VAL B 158 -8.13 29.98 -1.23
N PRO B 159 -7.47 29.03 -0.56
CA PRO B 159 -6.33 29.36 0.31
C PRO B 159 -5.31 30.29 -0.39
N GLY B 160 -4.75 31.22 0.40
CA GLY B 160 -3.94 32.30 -0.11
C GLY B 160 -2.82 32.00 -1.10
N GLU B 161 -2.16 30.84 -0.94
CA GLU B 161 -1.00 30.49 -1.76
C GLU B 161 -1.37 30.33 -3.25
N TYR B 162 -2.60 29.88 -3.50
CA TYR B 162 -3.08 29.67 -4.85
C TYR B 162 -3.95 30.82 -5.29
N ALA B 163 -4.53 31.53 -4.31
CA ALA B 163 -5.43 32.67 -4.56
C ALA B 163 -4.90 33.62 -5.65
N VAL B 164 -3.59 33.79 -5.69
CA VAL B 164 -3.00 34.73 -6.64
C VAL B 164 -2.99 34.15 -8.06
N GLU B 165 -2.68 32.87 -8.18
CA GLU B 165 -2.68 32.18 -9.46
C GLU B 165 -4.11 31.87 -9.96
N VAL B 166 -5.02 31.58 -9.04
CA VAL B 166 -6.44 31.35 -9.35
C VAL B 166 -7.03 32.55 -10.04
N LYS B 167 -6.63 33.74 -9.60
CA LYS B 167 -7.09 34.97 -10.22
C LYS B 167 -6.40 35.20 -11.56
N GLU B 168 -5.12 34.85 -11.67
CA GLU B 168 -4.42 34.96 -12.95
C GLU B 168 -5.08 34.08 -14.01
N MET B 169 -5.54 32.91 -13.56
CA MET B 169 -6.30 32.03 -14.45
C MET B 169 -7.57 32.72 -14.87
N LEU B 170 -8.37 33.08 -13.86
CA LEU B 170 -9.63 33.79 -14.04
C LEU B 170 -9.47 35.03 -14.91
N SER B 171 -8.37 35.75 -14.70
CA SER B 171 -8.10 36.96 -15.47
C SER B 171 -7.83 36.60 -16.93
N ASP B 172 -7.31 35.40 -17.17
CA ASP B 172 -7.13 34.92 -18.53
C ASP B 172 -8.46 34.40 -19.08
N MET B 173 -9.37 34.05 -18.17
CA MET B 173 -10.70 33.57 -18.55
C MET B 173 -11.60 34.75 -18.91
N VAL B 174 -11.56 35.78 -18.06
CA VAL B 174 -12.16 37.07 -18.37
C VAL B 174 -11.70 37.57 -19.75
N ARG B 175 -10.38 37.55 -19.96
CA ARG B 175 -9.78 38.17 -21.15
C ARG B 175 -10.06 37.42 -22.46
N ARG B 176 -10.67 36.24 -22.38
CA ARG B 176 -10.97 35.47 -23.59
C ARG B 176 -12.43 35.66 -24.04
N ARG B 177 -13.33 35.75 -23.07
CA ARG B 177 -14.77 35.83 -23.34
C ARG B 177 -15.16 37.08 -24.15
N ASN B 178 -14.36 38.13 -24.02
CA ASN B 178 -14.65 39.40 -24.68
C ASN B 178 -14.22 39.44 -26.15
N ILE B 179 -14.18 38.28 -26.79
CA ILE B 179 -13.88 38.21 -28.22
C ILE B 179 -15.05 37.57 -28.96
N SER B 195 -23.73 49.09 -12.85
CA SER B 195 -23.68 47.91 -13.70
C SER B 195 -24.43 46.73 -13.10
N ARG B 196 -24.64 46.79 -11.79
CA ARG B 196 -25.47 45.80 -11.11
C ARG B 196 -26.83 46.43 -10.94
N GLU B 197 -26.83 47.76 -11.02
CA GLU B 197 -28.06 48.51 -11.01
C GLU B 197 -28.73 48.38 -12.37
N HIS B 198 -27.96 47.93 -13.36
CA HIS B 198 -28.41 47.83 -14.73
C HIS B 198 -29.04 46.50 -14.98
N VAL B 199 -28.44 45.45 -14.46
CA VAL B 199 -29.10 44.15 -14.48
C VAL B 199 -30.40 44.26 -13.68
N ASN B 200 -30.30 44.96 -12.54
CA ASN B 200 -31.42 45.17 -11.65
C ASN B 200 -32.63 45.82 -12.33
N TRP B 201 -32.39 46.80 -13.19
CA TRP B 201 -33.45 47.44 -13.94
C TRP B 201 -34.17 46.44 -14.86
N GLY B 202 -33.39 45.55 -15.48
CA GLY B 202 -33.95 44.50 -16.32
C GLY B 202 -34.84 43.56 -15.52
N ARG B 203 -34.31 43.09 -14.39
CA ARG B 203 -35.05 42.16 -13.54
C ARG B 203 -36.33 42.80 -13.05
N GLU B 204 -36.26 44.07 -12.66
CA GLU B 204 -37.44 44.81 -12.23
C GLU B 204 -38.48 44.84 -13.34
N LEU B 205 -38.04 45.13 -14.55
CA LEU B 205 -38.97 45.24 -15.67
C LEU B 205 -39.54 43.87 -15.99
N ALA B 206 -38.71 42.85 -15.88
CA ALA B 206 -39.13 41.46 -16.12
C ALA B 206 -40.18 40.99 -15.10
N ALA B 207 -40.25 41.65 -13.95
CA ALA B 207 -41.18 41.23 -12.92
C ALA B 207 -42.40 42.11 -12.85
N GLY B 208 -42.68 42.83 -13.94
CA GLY B 208 -43.92 43.56 -14.07
C GLY B 208 -43.81 45.05 -13.86
N LYS B 209 -42.84 45.47 -13.08
CA LYS B 209 -42.70 46.87 -12.68
C LYS B 209 -42.34 47.78 -13.84
N PHE B 210 -43.29 48.00 -14.74
CA PHE B 210 -43.02 48.80 -15.93
C PHE B 210 -42.58 50.23 -15.62
N GLN B 211 -43.00 50.77 -14.49
CA GLN B 211 -42.71 52.17 -14.21
C GLN B 211 -41.21 52.44 -14.11
N VAL B 212 -40.37 51.40 -14.12
CA VAL B 212 -38.92 51.60 -14.13
C VAL B 212 -38.43 52.15 -15.46
N VAL B 213 -39.28 52.09 -16.47
CA VAL B 213 -38.90 52.64 -17.75
C VAL B 213 -38.96 54.17 -17.69
N PHE B 214 -39.73 54.70 -16.73
CA PHE B 214 -39.87 56.15 -16.54
C PHE B 214 -38.59 56.83 -16.04
N ASN B 215 -37.83 56.13 -15.21
CA ASN B 215 -36.63 56.70 -14.61
C ASN B 215 -35.58 55.60 -14.42
N PRO B 216 -34.92 55.18 -15.52
CA PRO B 216 -33.89 54.15 -15.37
C PRO B 216 -32.69 54.71 -14.64
N PRO B 217 -31.89 53.85 -13.99
CA PRO B 217 -30.75 54.26 -13.15
C PRO B 217 -29.56 54.88 -13.90
N TRP B 218 -29.55 54.86 -15.22
CA TRP B 218 -28.36 55.30 -15.93
C TRP B 218 -28.64 56.60 -16.62
N GLY B 219 -29.89 57.04 -16.59
CA GLY B 219 -30.26 58.23 -17.31
C GLY B 219 -31.40 57.95 -18.28
N ASP B 220 -31.30 58.51 -19.48
CA ASP B 220 -32.36 58.44 -20.47
C ASP B 220 -32.69 57.00 -20.92
N ILE B 221 -33.93 56.80 -21.35
CA ILE B 221 -34.41 55.49 -21.80
C ILE B 221 -33.70 55.11 -23.11
N ASN B 222 -33.17 56.13 -23.80
CA ASN B 222 -32.45 55.93 -25.06
C ASN B 222 -30.96 55.99 -24.91
N LYS B 223 -30.48 56.27 -23.71
CA LYS B 223 -29.05 56.41 -23.50
C LYS B 223 -28.33 55.15 -23.93
N THR B 224 -27.47 55.28 -24.92
CA THR B 224 -26.70 54.14 -25.41
C THR B 224 -25.42 54.01 -24.61
N GLY B 225 -24.70 52.92 -24.78
CA GLY B 225 -23.55 52.66 -23.93
C GLY B 225 -22.23 52.54 -24.67
N ARG B 226 -21.48 51.50 -24.30
CA ARG B 226 -20.19 51.15 -24.91
C ARG B 226 -20.24 51.19 -26.42
N SER B 227 -21.01 50.27 -26.95
CA SER B 227 -20.98 49.93 -28.35
C SER B 227 -22.19 50.43 -29.10
N GLY B 228 -22.76 51.54 -28.65
CA GLY B 228 -23.91 52.11 -29.33
C GLY B 228 -25.22 51.39 -29.05
N ILE B 229 -25.15 50.29 -28.33
CA ILE B 229 -26.35 49.57 -27.93
C ILE B 229 -26.94 50.29 -26.74
N PRO B 230 -28.22 50.70 -26.85
CA PRO B 230 -28.90 51.34 -25.72
C PRO B 230 -28.75 50.49 -24.47
N LEU B 231 -28.41 51.09 -23.33
CA LEU B 231 -28.23 50.35 -22.08
C LEU B 231 -29.45 49.51 -21.75
N ALA B 232 -30.63 50.00 -22.16
CA ALA B 232 -31.87 49.26 -22.00
C ALA B 232 -31.79 47.85 -22.61
N VAL B 233 -31.26 47.79 -23.84
CA VAL B 233 -31.10 46.53 -24.56
C VAL B 233 -30.10 45.59 -23.89
N THR B 234 -28.93 46.10 -23.55
CA THR B 234 -27.92 45.23 -22.92
C THR B 234 -28.40 44.74 -21.55
N SER B 235 -29.26 45.51 -20.91
CA SER B 235 -29.77 45.12 -19.62
C SER B 235 -30.70 43.92 -19.78
N MET B 236 -31.60 44.00 -20.75
CA MET B 236 -32.49 42.89 -21.08
C MET B 236 -31.73 41.64 -21.54
N VAL B 237 -30.70 41.83 -22.36
CA VAL B 237 -29.81 40.74 -22.72
C VAL B 237 -29.16 40.12 -21.50
N LYS B 238 -28.68 40.97 -20.59
CA LYS B 238 -28.02 40.51 -19.36
C LYS B 238 -28.98 39.71 -18.51
N VAL B 239 -30.23 40.17 -18.40
CA VAL B 239 -31.23 39.41 -17.66
C VAL B 239 -31.46 38.04 -18.27
N ALA B 240 -31.47 37.96 -19.60
CA ALA B 240 -31.67 36.68 -20.28
C ALA B 240 -30.59 35.67 -19.90
N GLU B 241 -29.33 36.09 -19.96
CA GLU B 241 -28.22 35.19 -19.69
C GLU B 241 -28.22 34.68 -18.27
N LEU B 242 -28.59 35.53 -17.33
CA LEU B 242 -28.37 35.25 -15.93
C LEU B 242 -29.62 34.67 -15.29
N ASP B 243 -30.77 34.82 -15.94
CA ASP B 243 -32.02 34.40 -15.32
C ASP B 243 -32.77 33.42 -16.20
N GLY B 244 -32.36 33.32 -17.46
CA GLY B 244 -33.05 32.49 -18.42
C GLY B 244 -33.52 33.27 -19.64
N HIS B 245 -33.39 32.66 -20.81
CA HIS B 245 -33.80 33.26 -22.07
C HIS B 245 -35.33 33.38 -22.14
N LYS B 246 -36.02 33.06 -21.05
CA LYS B 246 -37.48 33.16 -21.02
C LYS B 246 -37.98 34.44 -20.36
N ARG B 247 -37.09 35.13 -19.65
CA ARG B 247 -37.44 36.38 -18.98
C ARG B 247 -37.80 37.45 -20.00
N LEU B 248 -37.21 37.33 -21.19
CA LEU B 248 -37.54 38.22 -22.31
C LEU B 248 -39.04 38.21 -22.62
N GLU B 249 -39.70 37.08 -22.34
CA GLU B 249 -41.12 36.92 -22.61
C GLU B 249 -41.96 37.60 -21.54
N ASP B 250 -41.47 37.58 -20.31
CA ASP B 250 -42.16 38.26 -19.22
C ASP B 250 -42.06 39.78 -19.41
N ILE B 251 -40.93 40.25 -19.94
CA ILE B 251 -40.74 41.67 -20.26
C ILE B 251 -41.75 42.08 -21.31
N ARG B 252 -42.04 41.17 -22.23
CA ARG B 252 -43.07 41.41 -23.25
C ARG B 252 -44.45 41.56 -22.61
N LYS B 253 -44.71 40.70 -21.64
CA LYS B 253 -45.95 40.72 -20.89
C LYS B 253 -46.10 42.00 -20.09
N THR B 254 -44.97 42.61 -19.73
CA THR B 254 -44.94 43.85 -18.93
C THR B 254 -45.23 45.05 -19.80
N LEU B 255 -44.59 45.09 -20.96
CA LEU B 255 -44.76 46.19 -21.91
C LEU B 255 -46.19 46.27 -22.39
N LEU B 256 -46.92 45.16 -22.22
CA LEU B 256 -48.37 45.17 -22.41
C LEU B 256 -49.04 45.95 -21.29
N ASP B 257 -48.71 45.62 -20.05
CA ASP B 257 -49.26 46.32 -18.90
C ASP B 257 -48.83 47.79 -18.91
N LEU B 258 -47.59 48.06 -19.34
CA LEU B 258 -47.13 49.43 -19.55
C LEU B 258 -48.04 50.19 -20.52
N LYS B 259 -48.33 49.55 -21.65
CA LYS B 259 -49.12 50.18 -22.71
C LYS B 259 -50.51 50.54 -22.22
N LYS B 260 -51.19 49.57 -21.61
CA LYS B 260 -52.50 49.79 -21.02
C LYS B 260 -52.49 50.96 -20.06
N TRP B 261 -51.52 50.96 -19.13
CA TRP B 261 -51.44 52.01 -18.13
C TRP B 261 -51.37 53.40 -18.73
N ILE B 262 -50.59 53.54 -19.80
CA ILE B 262 -50.45 54.82 -20.49
C ILE B 262 -51.77 55.32 -21.12
N GLU B 263 -52.47 54.43 -21.82
CA GLU B 263 -53.73 54.79 -22.47
C GLU B 263 -54.84 55.11 -21.46
N ASP B 264 -54.93 54.33 -20.39
CA ASP B 264 -55.85 54.65 -19.31
C ASP B 264 -55.55 56.03 -18.72
N ASN B 265 -54.27 56.41 -18.75
CA ASN B 265 -53.79 57.62 -18.08
C ASN B 265 -53.08 58.64 -18.98
N LYS B 266 -53.45 58.65 -20.26
CA LYS B 266 -52.84 59.54 -21.26
C LYS B 266 -52.62 60.96 -20.73
N ASP B 267 -53.56 61.46 -19.95
CA ASP B 267 -53.52 62.83 -19.47
C ASP B 267 -52.32 63.13 -18.55
N GLU B 268 -51.74 62.08 -17.96
CA GLU B 268 -50.65 62.25 -17.00
C GLU B 268 -49.29 62.39 -17.68
N LEU B 269 -49.22 62.03 -18.96
CA LEU B 269 -47.95 62.07 -19.68
C LEU B 269 -47.91 63.26 -20.64
N GLU B 270 -46.70 63.72 -20.94
CA GLU B 270 -46.55 64.79 -21.89
C GLU B 270 -47.01 64.26 -23.22
N ASP B 271 -47.42 65.16 -24.11
CA ASP B 271 -48.05 64.77 -25.37
C ASP B 271 -47.19 63.82 -26.18
N GLY B 272 -47.79 62.67 -26.50
CA GLY B 272 -47.17 61.71 -27.40
C GLY B 272 -45.95 61.01 -26.83
N LYS B 273 -45.47 61.47 -25.68
CA LYS B 273 -44.28 60.90 -25.06
C LYS B 273 -44.54 59.44 -24.66
N GLY B 274 -45.80 59.10 -24.43
CA GLY B 274 -46.18 57.71 -24.16
C GLY B 274 -46.21 56.77 -25.35
N ASP B 275 -46.46 57.30 -26.56
CA ASP B 275 -46.35 56.47 -27.77
C ASP B 275 -44.88 56.23 -28.08
N GLU B 276 -44.11 57.32 -28.09
CA GLU B 276 -42.66 57.26 -28.28
C GLU B 276 -41.97 56.27 -27.32
N LEU B 277 -42.63 55.91 -26.23
CA LEU B 277 -42.02 55.07 -25.20
C LEU B 277 -42.34 53.61 -25.40
N VAL B 278 -43.62 53.32 -25.59
CA VAL B 278 -44.08 51.98 -25.92
C VAL B 278 -43.32 51.50 -27.16
N LYS B 279 -43.20 52.39 -28.13
CA LYS B 279 -42.47 52.16 -29.36
C LYS B 279 -41.04 51.80 -29.06
N THR B 280 -40.37 52.67 -28.31
CA THR B 280 -38.96 52.48 -28.04
C THR B 280 -38.70 51.15 -27.36
N LEU B 281 -39.43 50.92 -26.27
CA LEU B 281 -39.23 49.73 -25.46
C LEU B 281 -39.53 48.43 -26.18
N THR B 282 -40.38 48.51 -27.21
CA THR B 282 -40.73 47.36 -28.03
C THR B 282 -39.62 47.04 -29.01
N LYS B 283 -38.91 48.08 -29.45
CA LYS B 283 -37.83 47.91 -30.39
C LYS B 283 -36.63 47.40 -29.65
N GLN B 284 -36.49 47.84 -28.41
CA GLN B 284 -35.34 47.47 -27.59
C GLN B 284 -35.42 46.01 -27.23
N LEU B 285 -36.65 45.56 -26.97
CA LEU B 285 -36.93 44.16 -26.67
C LEU B 285 -36.66 43.24 -27.88
N ALA B 286 -37.09 43.67 -29.06
CA ALA B 286 -36.83 42.93 -30.29
C ALA B 286 -35.34 42.78 -30.52
N ASP B 287 -34.64 43.89 -30.31
CA ASP B 287 -33.18 43.93 -30.33
C ASP B 287 -32.54 43.00 -29.30
N ALA B 288 -33.13 42.92 -28.12
CA ALA B 288 -32.58 42.05 -27.07
C ALA B 288 -32.79 40.59 -27.45
N ILE B 289 -34.04 40.30 -27.84
CA ILE B 289 -34.40 38.98 -28.33
C ILE B 289 -33.42 38.47 -29.39
N GLU B 290 -33.02 39.34 -30.33
CA GLU B 290 -32.04 39.01 -31.36
C GLU B 290 -30.65 38.74 -30.84
N LEU B 291 -30.12 39.70 -30.07
CA LEU B 291 -28.77 39.60 -29.53
C LEU B 291 -28.56 38.38 -28.65
N ALA B 292 -29.62 37.96 -27.96
CA ALA B 292 -29.57 36.85 -27.00
C ALA B 292 -29.61 35.52 -27.73
N LYS B 293 -30.00 35.59 -28.99
CA LYS B 293 -29.98 34.41 -29.84
C LYS B 293 -28.64 34.41 -30.57
N LYS B 294 -27.65 35.07 -29.97
CA LYS B 294 -26.29 35.09 -30.49
C LYS B 294 -25.25 35.25 -29.37
N SER B 295 -25.71 35.19 -28.12
CA SER B 295 -24.81 35.38 -26.99
C SER B 295 -23.66 34.39 -27.03
N SER B 296 -22.44 34.89 -26.90
CA SER B 296 -21.32 34.02 -26.66
C SER B 296 -21.63 33.13 -25.45
N ALA B 297 -22.21 33.72 -24.40
CA ALA B 297 -22.51 33.00 -23.15
C ALA B 297 -23.54 31.89 -23.30
N LEU B 298 -24.46 32.06 -24.25
CA LEU B 298 -25.55 31.10 -24.40
C LEU B 298 -25.13 29.97 -25.34
N ARG B 299 -24.13 30.22 -26.19
CA ARG B 299 -23.58 29.19 -27.07
C ARG B 299 -22.56 28.34 -26.29
N ALA B 300 -22.11 28.87 -25.16
CA ALA B 300 -21.19 28.14 -24.30
C ALA B 300 -21.96 27.19 -23.37
N GLN B 301 -23.08 27.65 -22.82
CA GLN B 301 -23.92 26.76 -22.04
C GLN B 301 -24.52 25.69 -22.97
N GLY B 302 -24.57 26.01 -24.25
CA GLY B 302 -25.17 25.13 -25.24
C GLY B 302 -24.27 24.00 -25.68
N ALA B 303 -22.97 24.27 -25.76
CA ALA B 303 -22.00 23.25 -26.22
C ALA B 303 -21.36 22.47 -25.06
N GLN B 304 -21.93 22.63 -23.87
CA GLN B 304 -21.47 21.99 -22.64
C GLN B 304 -21.67 20.46 -22.63
N ILE B 305 -20.57 19.70 -22.73
CA ILE B 305 -20.64 18.23 -22.84
C ILE B 305 -21.23 17.59 -21.59
N ASP B 306 -22.19 16.69 -21.78
CA ASP B 306 -22.73 15.89 -20.67
C ASP B 306 -22.00 14.55 -20.67
N SER B 307 -20.92 14.48 -19.89
CA SER B 307 -20.00 13.34 -19.79
C SER B 307 -20.63 11.96 -20.03
N ILE B 308 -21.51 11.55 -19.12
CA ILE B 308 -22.10 10.24 -19.24
C ILE B 308 -23.03 10.13 -20.45
N PHE B 309 -23.56 11.25 -20.93
CA PHE B 309 -24.45 11.17 -22.09
C PHE B 309 -23.68 10.97 -23.37
N SER B 310 -22.76 11.89 -23.68
CA SER B 310 -21.95 11.74 -24.88
C SER B 310 -21.21 10.40 -24.87
N SER B 311 -20.85 9.93 -23.68
CA SER B 311 -20.12 8.68 -23.59
C SER B 311 -20.94 7.55 -24.19
N TYR B 312 -22.14 7.33 -23.64
CA TYR B 312 -23.04 6.31 -24.14
C TYR B 312 -23.47 6.54 -25.59
N TYR B 313 -23.68 7.81 -25.98
CA TYR B 313 -23.97 8.12 -27.38
C TYR B 313 -22.83 7.60 -28.26
N TRP B 314 -21.59 7.98 -27.93
CA TRP B 314 -20.42 7.50 -28.65
C TRP B 314 -20.26 5.98 -28.57
N ALA B 315 -20.51 5.42 -27.39
CA ALA B 315 -20.47 3.97 -27.21
C ALA B 315 -21.48 3.32 -28.15
N TRP B 316 -22.75 3.73 -28.03
CA TRP B 316 -23.81 3.30 -28.95
C TRP B 316 -23.39 3.45 -30.41
N LYS B 317 -23.06 4.68 -30.81
CA LYS B 317 -22.75 4.96 -32.20
C LYS B 317 -21.62 4.09 -32.75
N ALA B 318 -20.70 3.69 -31.86
CA ALA B 318 -19.51 2.94 -32.28
C ALA B 318 -19.74 1.42 -32.34
N GLY B 319 -20.84 0.96 -31.76
CA GLY B 319 -21.27 -0.42 -31.95
C GLY B 319 -21.11 -1.31 -30.73
N ILE B 320 -21.05 -0.69 -29.57
CA ILE B 320 -20.88 -1.40 -28.32
C ILE B 320 -22.22 -1.98 -27.83
N THR B 321 -22.20 -3.23 -27.39
CA THR B 321 -23.34 -3.89 -26.75
C THR B 321 -22.88 -4.32 -25.35
N PRO B 322 -23.83 -4.68 -24.45
CA PRO B 322 -23.43 -5.05 -23.08
C PRO B 322 -22.44 -6.22 -22.99
N VAL B 323 -22.10 -6.81 -24.13
CA VAL B 323 -21.19 -7.94 -24.18
C VAL B 323 -19.80 -7.48 -24.61
N THR B 324 -19.73 -6.46 -25.44
CA THR B 324 -18.45 -5.97 -25.92
C THR B 324 -18.03 -4.76 -25.06
N PHE B 325 -18.96 -4.26 -24.24
CA PHE B 325 -18.72 -3.08 -23.41
C PHE B 325 -17.58 -3.24 -22.37
N PRO B 326 -17.45 -4.41 -21.74
CA PRO B 326 -16.32 -4.54 -20.81
C PRO B 326 -14.92 -4.47 -21.44
N THR B 327 -14.79 -4.64 -22.75
CA THR B 327 -13.46 -4.47 -23.36
C THR B 327 -13.19 -2.99 -23.64
N LEU B 328 -14.27 -2.21 -23.74
CA LEU B 328 -14.21 -0.76 -23.80
C LEU B 328 -13.80 -0.22 -22.44
N SER B 329 -14.53 -0.66 -21.40
CA SER B 329 -14.19 -0.33 -20.02
C SER B 329 -12.73 -0.68 -19.74
N GLN B 330 -12.28 -1.81 -20.25
CA GLN B 330 -10.92 -2.24 -20.00
C GLN B 330 -9.93 -1.35 -20.72
N PHE B 331 -10.23 -1.04 -21.99
CA PHE B 331 -9.33 -0.25 -22.79
C PHE B 331 -9.17 1.15 -22.22
N LEU B 332 -10.26 1.71 -21.72
CA LEU B 332 -10.26 3.06 -21.12
C LEU B 332 -9.52 3.04 -19.78
N PHE B 333 -9.68 1.96 -19.02
CA PHE B 333 -8.99 1.81 -17.74
C PHE B 333 -7.48 1.64 -17.91
N GLU B 334 -7.06 0.96 -18.96
CA GLU B 334 -5.62 0.86 -19.22
C GLU B 334 -5.08 2.19 -19.77
N MET B 335 -5.98 2.99 -20.35
CA MET B 335 -5.61 4.21 -21.05
C MET B 335 -5.24 5.32 -20.06
N GLY B 336 -5.78 5.24 -18.85
CA GLY B 336 -5.41 6.18 -17.82
C GLY B 336 -4.40 5.63 -16.82
N GLN B 337 -3.54 4.71 -17.24
CA GLN B 337 -2.49 4.19 -16.37
C GLN B 337 -1.20 4.89 -16.68
N GLY B 338 -1.18 5.51 -17.85
CA GLY B 338 -0.03 6.25 -18.32
C GLY B 338 -0.42 7.12 -19.50
N PRO B 339 0.59 7.72 -20.15
CA PRO B 339 0.45 8.61 -21.31
C PRO B 339 -0.04 7.83 -22.52
N ARG B 340 -1.29 7.39 -22.49
CA ARG B 340 -1.78 6.43 -23.48
C ARG B 340 -2.73 7.00 -24.55
N GLY B 341 -3.42 8.09 -24.22
CA GLY B 341 -4.56 8.54 -25.02
C GLY B 341 -4.35 9.31 -26.30
N GLY B 342 -3.18 9.17 -26.94
CA GLY B 342 -2.92 9.95 -28.13
C GLY B 342 -2.76 9.13 -29.39
N LYS B 343 -1.63 9.30 -30.07
CA LYS B 343 -1.31 8.50 -31.24
C LYS B 343 -1.07 7.04 -30.84
N LYS B 344 -0.87 6.81 -29.54
CA LYS B 344 -0.75 5.46 -28.98
C LYS B 344 -2.11 4.81 -28.94
N MET B 345 -3.09 5.57 -28.45
CA MET B 345 -4.46 5.11 -28.38
C MET B 345 -5.02 4.77 -29.75
N ILE B 346 -4.84 5.69 -30.70
CA ILE B 346 -5.33 5.51 -32.05
C ILE B 346 -4.67 4.31 -32.75
N LYS B 347 -3.39 4.06 -32.44
CA LYS B 347 -2.73 2.90 -33.00
C LYS B 347 -3.32 1.62 -32.38
N ALA B 348 -3.61 1.68 -31.09
CA ALA B 348 -4.19 0.53 -30.41
C ALA B 348 -5.60 0.23 -30.92
N LEU B 349 -6.31 1.25 -31.38
CA LEU B 349 -7.67 1.07 -31.88
C LEU B 349 -7.67 0.49 -33.31
N THR B 350 -6.63 0.82 -34.08
CA THR B 350 -6.47 0.31 -35.43
C THR B 350 -5.98 -1.13 -35.44
N ASN B 351 -5.35 -1.53 -34.33
CA ASN B 351 -4.73 -2.85 -34.21
C ASN B 351 -5.65 -3.87 -33.59
N THR B 352 -6.55 -3.40 -32.74
CA THR B 352 -7.42 -4.30 -32.00
C THR B 352 -8.22 -5.15 -32.98
N PRO B 353 -8.48 -6.40 -32.60
CA PRO B 353 -9.28 -7.26 -33.48
C PRO B 353 -10.77 -6.91 -33.41
N LEU B 354 -11.16 -6.12 -32.42
CA LEU B 354 -12.57 -5.79 -32.25
C LEU B 354 -13.01 -4.73 -33.24
N LYS B 355 -14.19 -4.95 -33.82
CA LYS B 355 -14.78 -4.04 -34.79
C LYS B 355 -14.86 -2.61 -34.28
N TRP B 356 -15.20 -2.44 -33.00
CA TRP B 356 -15.57 -1.13 -32.50
C TRP B 356 -14.40 -0.17 -32.31
N GLY B 357 -13.19 -0.70 -32.33
CA GLY B 357 -12.02 0.16 -32.21
C GLY B 357 -11.90 1.13 -33.37
N LYS B 358 -11.90 0.58 -34.57
CA LYS B 358 -11.71 1.39 -35.76
C LYS B 358 -12.90 2.32 -36.00
N LYS B 359 -14.09 1.87 -35.61
CA LYS B 359 -15.30 2.70 -35.66
C LYS B 359 -15.18 3.98 -34.82
N ILE B 360 -14.84 3.83 -33.53
CA ILE B 360 -14.57 5.00 -32.70
C ILE B 360 -13.61 5.95 -33.41
N ILE B 361 -12.57 5.40 -34.03
CA ILE B 361 -11.61 6.21 -34.78
C ILE B 361 -12.29 7.03 -35.89
N SER B 362 -13.30 6.46 -36.54
CA SER B 362 -13.97 7.15 -37.64
C SER B 362 -15.13 8.04 -37.14
N LEU B 363 -15.38 8.04 -35.84
CA LEU B 363 -16.28 9.05 -35.26
C LEU B 363 -15.52 10.33 -34.92
N PHE B 364 -14.18 10.30 -35.03
CA PHE B 364 -13.34 11.41 -34.59
C PHE B 364 -13.47 12.64 -35.48
N ALA B 365 -13.50 13.82 -34.88
CA ALA B 365 -13.55 15.05 -35.65
C ALA B 365 -12.19 15.35 -36.25
N GLU B 366 -12.19 16.02 -37.39
CA GLU B 366 -10.94 16.40 -38.08
C GLU B 366 -9.99 17.21 -37.19
N ASP B 367 -8.75 17.35 -37.65
CA ASP B 367 -7.82 18.29 -37.04
C ASP B 367 -7.86 19.57 -37.86
N ASP B 368 -8.19 19.38 -39.14
CA ASP B 368 -8.53 20.46 -40.06
C ASP B 368 -10.00 20.85 -39.86
N PHE B 369 -10.28 21.65 -38.83
CA PHE B 369 -11.65 21.99 -38.46
C PHE B 369 -12.01 23.43 -38.80
N ASN B 370 -13.08 23.57 -39.58
CA ASN B 370 -13.65 24.86 -39.93
C ASN B 370 -13.99 25.70 -38.69
N GLY B 371 -13.05 26.55 -38.29
CA GLY B 371 -13.28 27.47 -37.19
C GLY B 371 -12.62 27.08 -35.88
N ASN B 372 -13.15 27.62 -34.78
CA ASN B 372 -12.63 27.35 -33.44
C ASN B 372 -13.03 25.96 -32.95
N LYS B 373 -12.22 25.41 -32.06
CA LYS B 373 -12.44 24.06 -31.55
C LYS B 373 -13.28 23.99 -30.28
N LEU B 374 -13.53 25.12 -29.63
CA LEU B 374 -14.37 25.12 -28.42
C LEU B 374 -15.85 25.16 -28.80
N TYR B 375 -16.11 25.43 -30.08
CA TYR B 375 -17.46 25.40 -30.60
C TYR B 375 -17.62 24.26 -31.61
N MET B 376 -17.14 23.10 -31.20
CA MET B 376 -17.42 21.84 -31.85
C MET B 376 -18.68 21.35 -31.16
N HIS B 377 -19.55 20.65 -31.89
CA HIS B 377 -20.75 20.14 -31.24
C HIS B 377 -20.33 19.15 -30.15
N PRO B 378 -21.00 19.19 -28.98
CA PRO B 378 -20.69 18.36 -27.81
C PRO B 378 -20.87 16.84 -28.00
N GLY B 379 -21.60 16.44 -29.02
CA GLY B 379 -21.73 15.03 -29.32
C GLY B 379 -20.78 14.56 -30.40
N VAL B 380 -19.79 15.38 -30.73
CA VAL B 380 -18.73 14.95 -31.66
C VAL B 380 -17.49 14.53 -30.90
N LEU B 381 -17.02 13.33 -31.20
CA LEU B 381 -15.87 12.73 -30.54
C LEU B 381 -14.57 13.10 -31.23
N THR B 382 -13.53 13.33 -30.44
CA THR B 382 -12.17 13.48 -30.93
C THR B 382 -11.26 12.59 -30.10
N ALA B 383 -10.02 12.45 -30.57
CA ALA B 383 -8.99 11.75 -29.81
C ALA B 383 -8.96 12.27 -28.38
N GLY B 384 -8.99 13.59 -28.23
CA GLY B 384 -8.95 14.19 -26.92
C GLY B 384 -10.19 13.92 -26.10
N ARG B 385 -11.36 13.80 -26.73
CA ARG B 385 -12.59 13.69 -25.94
C ARG B 385 -12.84 12.27 -25.43
N MET B 386 -12.03 11.32 -25.88
CA MET B 386 -12.00 9.98 -25.30
C MET B 386 -11.85 10.04 -23.78
N SER B 387 -11.24 11.12 -23.32
CA SER B 387 -11.01 11.43 -21.91
C SER B 387 -12.28 11.55 -21.11
N GLU B 388 -13.38 11.79 -21.82
CA GLU B 388 -14.72 11.81 -21.26
C GLU B 388 -15.18 10.39 -21.07
N MET B 389 -14.98 9.59 -22.11
CA MET B 389 -15.36 8.20 -22.06
C MET B 389 -14.54 7.52 -20.97
N GLY B 390 -13.23 7.77 -21.00
CA GLY B 390 -12.30 7.33 -19.96
C GLY B 390 -12.83 7.64 -18.57
N ALA B 391 -13.26 8.87 -18.37
CA ALA B 391 -13.68 9.33 -17.04
C ALA B 391 -14.93 8.61 -16.57
N CYS B 392 -15.73 8.14 -17.54
CA CYS B 392 -16.97 7.45 -17.23
C CYS B 392 -16.81 5.94 -17.15
N PHE B 393 -16.07 5.37 -18.09
CA PHE B 393 -16.04 3.90 -18.25
C PHE B 393 -14.71 3.22 -17.85
N GLY B 394 -13.62 3.97 -17.75
CA GLY B 394 -12.32 3.40 -17.40
C GLY B 394 -11.78 3.70 -16.00
N VAL B 395 -12.66 3.62 -15.00
CA VAL B 395 -12.31 3.92 -13.62
C VAL B 395 -12.56 2.68 -12.78
N VAL B 396 -13.78 2.15 -12.87
CA VAL B 396 -14.08 0.82 -12.35
C VAL B 396 -14.23 -0.16 -13.52
N PRO B 397 -13.13 -0.84 -13.90
CA PRO B 397 -13.07 -1.76 -15.06
C PRO B 397 -13.98 -2.96 -14.83
N VAL B 398 -15.01 -3.13 -15.66
CA VAL B 398 -16.15 -3.94 -15.24
C VAL B 398 -15.93 -5.46 -15.31
N SER B 399 -15.04 -5.89 -16.20
CA SER B 399 -14.58 -7.29 -16.19
C SER B 399 -14.08 -7.70 -14.80
N ASN B 400 -13.25 -6.83 -14.21
CA ASN B 400 -12.57 -7.05 -12.92
C ASN B 400 -12.60 -5.83 -12.04
N PRO B 401 -13.69 -5.65 -11.28
CA PRO B 401 -13.95 -4.36 -10.64
C PRO B 401 -12.97 -4.01 -9.52
N GLU B 402 -12.55 -4.99 -8.72
CA GLU B 402 -11.65 -4.73 -7.61
C GLU B 402 -10.32 -4.16 -8.10
N ASP B 403 -10.04 -4.32 -9.38
CA ASP B 403 -8.82 -3.78 -9.94
C ASP B 403 -8.82 -2.25 -9.90
N ALA B 404 -9.95 -1.63 -9.56
CA ALA B 404 -10.04 -0.16 -9.55
C ALA B 404 -8.97 0.48 -8.66
N VAL B 405 -8.54 -0.27 -7.65
CA VAL B 405 -7.54 0.22 -6.70
C VAL B 405 -6.21 0.58 -7.38
N LEU B 406 -5.87 -0.15 -8.44
CA LEU B 406 -4.74 0.23 -9.29
C LEU B 406 -4.83 1.71 -9.72
N GLY B 407 -6.06 2.21 -9.84
CA GLY B 407 -6.32 3.59 -10.27
C GLY B 407 -6.21 3.79 -11.76
N SER B 408 -6.89 4.80 -12.28
CA SER B 408 -6.76 5.18 -13.67
C SER B 408 -7.02 6.66 -13.77
N GLY B 409 -6.28 7.34 -14.66
CA GLY B 409 -6.28 8.79 -14.66
C GLY B 409 -7.10 9.44 -15.76
N HIS B 410 -8.16 10.12 -15.38
CA HIS B 410 -8.97 10.80 -16.38
C HIS B 410 -9.31 12.21 -15.91
N SER B 411 -9.08 13.19 -16.79
CA SER B 411 -9.12 14.62 -16.43
C SER B 411 -10.35 15.01 -15.63
N LYS B 412 -11.52 14.64 -16.15
CA LYS B 412 -12.79 15.04 -15.57
C LYS B 412 -12.94 14.58 -14.13
N SER B 413 -12.08 13.66 -13.70
CA SER B 413 -12.16 13.12 -12.35
C SER B 413 -11.80 14.18 -11.31
N LEU B 414 -10.98 15.13 -11.75
CA LEU B 414 -10.48 16.23 -10.90
C LEU B 414 -11.57 16.93 -10.09
N LEU B 415 -12.75 17.02 -10.70
CA LEU B 415 -13.90 17.70 -10.10
C LEU B 415 -14.40 16.99 -8.84
N ASN B 416 -13.90 15.78 -8.58
CA ASN B 416 -14.36 15.03 -7.40
C ASN B 416 -13.62 15.46 -6.15
N TYR B 417 -12.52 16.18 -6.34
CA TYR B 417 -11.79 16.80 -5.23
C TYR B 417 -12.64 17.85 -4.50
N LYS B 418 -12.66 17.78 -3.17
CA LYS B 418 -13.41 18.74 -2.39
C LYS B 418 -12.99 20.18 -2.69
N ILE B 419 -13.89 21.10 -2.33
CA ILE B 419 -13.67 22.54 -2.49
C ILE B 419 -13.48 23.17 -1.11
N ASP B 420 -14.06 22.53 -0.11
CA ASP B 420 -14.28 23.10 1.21
C ASP B 420 -13.00 23.57 1.87
N THR B 421 -13.15 24.58 2.73
CA THR B 421 -12.01 25.23 3.36
C THR B 421 -11.27 24.27 4.28
N ASN B 422 -12.03 23.44 5.01
CA ASN B 422 -11.44 22.53 5.98
C ASN B 422 -10.40 21.61 5.33
N ALA B 423 -10.65 21.23 4.08
CA ALA B 423 -9.74 20.37 3.33
C ALA B 423 -8.74 21.21 2.55
N GLY B 424 -8.87 22.52 2.66
CA GLY B 424 -7.95 23.44 2.00
C GLY B 424 -8.09 23.49 0.50
N ASN B 425 -9.31 23.29 0.01
CA ASN B 425 -9.63 23.25 -1.42
C ASN B 425 -8.63 22.49 -2.28
N PRO B 426 -8.59 21.16 -2.11
CA PRO B 426 -7.73 20.30 -2.94
C PRO B 426 -8.04 20.42 -4.43
N CYS B 427 -9.30 20.64 -4.77
CA CYS B 427 -9.68 20.73 -6.17
C CYS B 427 -8.94 21.89 -6.84
N ALA B 428 -8.89 23.03 -6.17
CA ALA B 428 -8.21 24.20 -6.70
C ALA B 428 -6.69 23.96 -6.75
N LYS B 429 -6.14 23.43 -5.66
CA LYS B 429 -4.71 23.13 -5.61
C LYS B 429 -4.22 22.38 -6.86
N GLU B 430 -4.90 21.28 -7.23
CA GLU B 430 -4.52 20.50 -8.41
C GLU B 430 -4.63 21.26 -9.73
N ILE B 431 -5.75 21.98 -9.92
CA ILE B 431 -5.97 22.78 -11.13
C ILE B 431 -4.81 23.73 -11.38
N VAL B 432 -4.35 24.36 -10.29
CA VAL B 432 -3.21 25.25 -10.36
C VAL B 432 -1.93 24.54 -10.84
N GLN B 433 -1.62 23.38 -10.26
CA GLN B 433 -0.40 22.67 -10.66
C GLN B 433 -0.47 22.28 -12.12
N LEU B 434 -1.64 21.78 -12.52
CA LEU B 434 -1.91 21.49 -13.92
C LEU B 434 -1.80 22.78 -14.74
N PHE B 435 -2.15 23.89 -14.11
CA PHE B 435 -2.03 25.18 -14.77
C PHE B 435 -0.56 25.59 -14.89
N ARG B 436 0.21 25.44 -13.82
CA ARG B 436 1.62 25.78 -13.85
C ARG B 436 2.33 24.96 -14.91
N ILE B 437 2.19 23.63 -14.81
CA ILE B 437 2.78 22.71 -15.79
C ILE B 437 2.45 23.14 -17.21
N GLN B 438 1.19 23.49 -17.44
CA GLN B 438 0.74 23.97 -18.74
C GLN B 438 1.41 25.29 -19.16
N LYS B 439 1.56 26.22 -18.22
CA LYS B 439 2.28 27.49 -18.46
C LYS B 439 3.71 27.23 -18.89
N ALA B 440 4.28 26.15 -18.38
CA ALA B 440 5.72 25.88 -18.41
C ALA B 440 6.28 25.52 -19.79
N GLY B 441 5.48 24.87 -20.62
CA GLY B 441 5.94 24.40 -21.91
C GLY B 441 5.06 24.86 -23.06
N PHE B 442 4.07 25.67 -22.72
CA PHE B 442 3.16 26.17 -23.74
C PHE B 442 2.88 27.67 -23.56
N ASP B 443 2.76 28.38 -24.67
CA ASP B 443 2.22 29.73 -24.66
C ASP B 443 0.72 29.64 -24.81
N LEU B 444 0.03 29.55 -23.67
CA LEU B 444 -1.41 29.38 -23.63
C LEU B 444 -2.13 30.45 -24.46
N ASP B 445 -1.91 31.70 -24.08
CA ASP B 445 -2.52 32.85 -24.75
C ASP B 445 -2.28 32.82 -26.27
N MET B 447 -3.66 29.35 -27.92
CA MET B 447 -4.41 28.10 -27.78
C MET B 447 -5.92 28.27 -27.89
N ASP B 448 -6.57 27.40 -28.65
CA ASP B 448 -8.03 27.37 -28.77
C ASP B 448 -8.72 27.09 -27.43
N ILE B 449 -8.03 26.40 -26.53
CA ILE B 449 -8.58 26.05 -25.21
C ILE B 449 -7.49 25.60 -24.22
N VAL B 450 -7.62 26.04 -22.96
CA VAL B 450 -6.67 25.70 -21.91
C VAL B 450 -7.33 24.77 -20.91
N ALA B 451 -6.89 23.51 -20.91
CA ALA B 451 -7.58 22.44 -20.20
C ALA B 451 -7.81 22.76 -18.73
N SER B 452 -6.85 23.42 -18.09
CA SER B 452 -6.94 23.67 -16.67
C SER B 452 -7.94 24.79 -16.35
N GLU B 453 -8.07 25.76 -17.24
CA GLU B 453 -9.01 26.85 -17.00
C GLU B 453 -10.44 26.36 -17.18
N HIS B 454 -10.64 25.53 -18.20
CA HIS B 454 -11.87 24.79 -18.43
C HIS B 454 -12.33 23.97 -17.22
N LEU B 455 -11.39 23.38 -16.49
CA LEU B 455 -11.73 22.60 -15.31
C LEU B 455 -12.10 23.50 -14.12
N LEU B 456 -11.40 24.62 -13.99
CA LEU B 456 -11.66 25.60 -12.94
C LEU B 456 -13.07 26.16 -13.14
N HIS B 457 -13.29 26.65 -14.36
CA HIS B 457 -14.61 26.99 -14.88
C HIS B 457 -15.69 26.09 -14.28
N GLN B 458 -15.65 24.81 -14.63
CA GLN B 458 -16.66 23.85 -14.19
C GLN B 458 -16.83 23.81 -12.66
N SER B 459 -15.75 24.08 -11.93
CA SER B 459 -15.81 24.04 -10.47
C SER B 459 -16.51 25.27 -9.90
N LEU B 460 -16.38 26.42 -10.60
CA LEU B 460 -17.02 27.66 -10.18
C LEU B 460 -18.55 27.62 -10.43
N VAL B 461 -18.92 27.04 -11.57
CA VAL B 461 -20.32 26.79 -11.90
C VAL B 461 -21.00 25.96 -10.82
N GLY B 462 -20.19 25.13 -10.16
CA GLY B 462 -20.66 24.29 -9.07
C GLY B 462 -20.73 22.81 -9.41
N LYS B 463 -19.90 22.36 -10.35
CA LYS B 463 -19.72 20.92 -10.59
C LYS B 463 -18.79 20.31 -9.52
N ARG B 464 -19.38 19.55 -8.60
CA ARG B 464 -18.62 18.83 -7.58
C ARG B 464 -18.32 17.39 -8.05
N CYS B 465 -18.83 17.04 -9.24
CA CYS B 465 -18.67 15.72 -9.85
C CYS B 465 -19.05 15.79 -11.33
N HIS B 466 -18.33 15.05 -12.18
CA HIS B 466 -18.58 15.17 -13.63
C HIS B 466 -19.84 14.42 -14.12
N PHE B 467 -20.48 13.69 -13.20
CA PHE B 467 -21.71 12.96 -13.51
C PHE B 467 -22.90 13.89 -13.24
N GLN B 468 -22.58 15.15 -12.95
CA GLN B 468 -23.57 16.20 -12.77
C GLN B 468 -23.80 16.92 -14.09
N ASN B 469 -25.06 17.24 -14.38
CA ASN B 469 -25.41 18.09 -15.52
C ASN B 469 -25.62 19.51 -15.03
N ALA B 470 -25.04 20.47 -15.74
CA ALA B 470 -25.02 21.85 -15.27
C ALA B 470 -25.70 22.80 -16.24
N TYR B 471 -26.62 22.27 -17.04
CA TYR B 471 -27.24 23.04 -18.11
C TYR B 471 -28.26 24.05 -17.59
N LYS B 472 -29.04 23.64 -16.58
CA LYS B 472 -30.04 24.50 -15.92
C LYS B 472 -29.43 25.41 -14.86
N VAL B 473 -28.13 25.66 -14.95
CA VAL B 473 -27.47 26.59 -14.03
C VAL B 473 -27.30 27.95 -14.71
N LYS B 474 -28.18 28.87 -14.38
CA LYS B 474 -28.05 30.23 -14.88
C LYS B 474 -26.89 30.87 -14.14
N GLY B 475 -26.14 31.73 -14.82
CA GLY B 475 -25.08 32.43 -14.12
C GLY B 475 -23.93 32.81 -15.01
N ASN B 476 -23.14 33.76 -14.52
CA ASN B 476 -21.94 34.28 -15.17
C ASN B 476 -20.69 33.65 -14.56
N ALA B 477 -19.79 33.19 -15.43
CA ALA B 477 -18.60 32.44 -15.01
C ALA B 477 -17.68 33.23 -14.07
N THR B 478 -17.48 34.51 -14.37
CA THR B 478 -16.49 35.34 -13.67
C THR B 478 -17.04 36.07 -12.44
N ASN B 479 -16.50 35.71 -11.28
CA ASN B 479 -16.82 36.35 -9.99
C ASN B 479 -15.58 36.35 -9.09
N VAL B 480 -15.75 36.43 -7.77
CA VAL B 480 -14.63 36.89 -6.94
C VAL B 480 -13.97 35.90 -5.93
N GLU B 481 -12.64 36.04 -5.82
CA GLU B 481 -11.73 35.27 -4.97
C GLU B 481 -11.45 33.88 -5.53
#